data_2IO9
#
_entry.id   2IO9
#
_cell.length_a   59.912
_cell.length_b   75.480
_cell.length_c   84.006
_cell.angle_alpha   70.442
_cell.angle_beta   74.165
_cell.angle_gamma   78.064
#
_symmetry.space_group_name_H-M   'P 1'
#
loop_
_entity.id
_entity.type
_entity.pdbx_description
1 polymer 'Bifunctional glutathionylspermidine synthetase/amidase'
2 non-polymer 'MAGNESIUM ION'
3 non-polymer "ADENOSINE-5'-DIPHOSPHATE"
4 non-polymer GLUTATHIONE
5 water water
#
_entity_poly.entity_id   1
_entity_poly.type   'polypeptide(L)'
_entity_poly.pdbx_seq_one_letter_code
;MSKGTTSQDAPFGTLLGYAPGGVAIYSSDYSSLDPQEYEDDAVFRSYIDDEYMGHKWQCVEFARRFLFLNYGVVFTDVGM
AWEIFSLRFLREVVNDNILPLQAFPNGSPRAPVAGALLIWDKGGEFKDTGHVAIITQLHGNKVRIAEQNVIHSPLPQGQQ
WTRELEMVVENGCYTLKDTFDDTTILGWMIQTEDTEYSLPQPEIAGELLKISGARLENKGQFDGKWLDEKDPLQNAYVQA
NGQVINQDPYHYYTITESAEQELIKATNELHLMYLHATDKVLKDDNLLALFDIPKILWPRLRLSWQRRRHHMITGRMDFC
MDERGLKVYEYNADSASCHTEAGLILERWAEQGYKGNGFNPAEGLINELAGAWKHSRARPFVHIMQDKDIEENYHAQFME
QALHQAGFETRILRGLDELGWDAAGQLIDGEGRLVNCVWKTWAWETAFDQIREVSDREFAAVPIRTGHPQNEVRLIDVLL
RPEVLVFEPLWTVIPGNKAILPILWSLFPHHRYLLDTDFTVNDELVKTGYAVKPIAGRCGSNIDLVSHHEEVLDKTSGKF
AEQKNIYQQLWCLPKVDGKYIQVCTFTVGGNYGGTCLRGDESLVIKKESDIEPLIVVKK
;
_entity_poly.pdbx_strand_id   A,B
#
loop_
_chem_comp.id
_chem_comp.type
_chem_comp.name
_chem_comp.formula
ADP non-polymer ADENOSINE-5'-DIPHOSPHATE 'C10 H15 N5 O10 P2'
GSH non-polymer GLUTATHIONE 'C10 H17 N3 O6 S'
MG non-polymer 'MAGNESIUM ION' 'Mg 2'
#
# COMPACT_ATOMS: atom_id res chain seq x y z
N ALA A 10 25.45 2.22 27.94
CA ALA A 10 25.31 0.76 27.67
C ALA A 10 25.80 0.39 26.26
N PRO A 11 26.03 -0.90 26.03
CA PRO A 11 26.50 -1.35 24.72
C PRO A 11 25.61 -0.82 23.56
N PHE A 12 26.12 -0.95 22.35
CA PHE A 12 25.39 -0.50 21.17
C PHE A 12 24.00 -1.14 21.04
N GLY A 13 23.00 -0.32 20.75
CA GLY A 13 21.66 -0.86 20.56
C GLY A 13 20.92 -1.33 21.79
N THR A 14 21.37 -0.91 22.96
CA THR A 14 20.68 -1.31 24.15
C THR A 14 19.46 -0.40 24.30
N LEU A 15 18.30 -0.98 24.59
CA LEU A 15 17.11 -0.14 24.81
C LEU A 15 17.31 0.61 26.10
N LEU A 16 17.16 1.94 26.11
CA LEU A 16 17.34 2.72 27.33
C LEU A 16 15.97 3.23 27.82
N GLY A 17 14.94 3.02 27.02
CA GLY A 17 13.64 3.51 27.39
C GLY A 17 12.85 4.03 26.21
N TYR A 18 11.81 4.80 26.51
CA TYR A 18 10.94 5.25 25.48
C TYR A 18 10.57 6.70 25.58
N ALA A 19 10.36 7.28 24.40
CA ALA A 19 9.86 8.63 24.32
C ALA A 19 8.35 8.41 24.18
N PRO A 20 7.58 9.48 24.39
CA PRO A 20 6.12 9.46 24.31
C PRO A 20 5.59 8.61 23.18
N GLY A 21 4.52 7.89 23.48
CA GLY A 21 3.90 7.02 22.51
C GLY A 21 4.60 5.68 22.31
N GLY A 22 5.64 5.38 23.09
CA GLY A 22 6.32 4.10 22.93
C GLY A 22 7.43 4.08 21.88
N VAL A 23 8.03 5.22 21.55
CA VAL A 23 9.11 5.25 20.56
C VAL A 23 10.41 4.93 21.31
N ALA A 24 10.93 3.73 21.09
CA ALA A 24 12.15 3.31 21.76
C ALA A 24 13.32 4.29 21.52
N ILE A 25 14.22 4.37 22.51
CA ILE A 25 15.43 5.18 22.48
C ILE A 25 16.56 4.18 22.79
N TYR A 26 17.45 3.95 21.83
CA TYR A 26 18.55 2.99 22.01
C TYR A 26 19.91 3.66 22.20
N SER A 27 20.87 2.87 22.67
CA SER A 27 22.23 3.36 22.84
C SER A 27 22.91 3.29 21.48
N SER A 28 23.67 4.30 21.13
CA SER A 28 24.41 4.21 19.86
C SER A 28 25.91 4.32 20.15
N ASP A 29 26.40 3.42 20.99
CA ASP A 29 27.82 3.42 21.31
C ASP A 29 28.55 2.40 20.45
N TYR A 30 29.07 2.89 19.33
CA TYR A 30 29.81 2.06 18.38
C TYR A 30 31.07 1.43 18.98
N SER A 31 31.65 2.11 19.97
CA SER A 31 32.86 1.64 20.63
C SER A 31 32.72 0.18 21.05
N SER A 32 31.62 -0.14 21.73
CA SER A 32 31.38 -1.51 22.14
C SER A 32 31.40 -2.35 20.88
N ASP A 41 27.30 -3.94 7.56
CA ASP A 41 27.20 -2.52 7.12
C ASP A 41 25.74 -2.19 6.82
N ALA A 42 25.01 -3.20 6.36
CA ALA A 42 23.60 -3.09 6.01
C ALA A 42 22.75 -3.24 7.28
N VAL A 43 23.38 -3.80 8.31
CA VAL A 43 22.70 -4.01 9.59
C VAL A 43 22.42 -2.72 10.33
N PHE A 44 23.03 -1.62 9.88
CA PHE A 44 22.83 -0.36 10.55
C PHE A 44 21.67 0.42 10.03
N ARG A 45 21.10 -0.01 8.92
CA ARG A 45 19.94 0.69 8.41
C ARG A 45 18.76 0.35 9.32
N SER A 46 17.99 1.37 9.67
CA SER A 46 16.84 1.16 10.49
C SER A 46 15.64 1.47 9.59
N TYR A 47 14.73 0.51 9.49
CA TYR A 47 13.52 0.67 8.68
C TYR A 47 12.36 0.31 9.56
N ILE A 48 11.18 0.79 9.21
CA ILE A 48 9.95 0.40 9.90
C ILE A 48 9.23 0.00 8.60
N ASP A 49 9.02 -1.32 8.42
CA ASP A 49 8.40 -1.83 7.21
C ASP A 49 9.37 -1.53 6.06
N ASP A 50 8.93 -0.77 5.07
CA ASP A 50 9.79 -0.40 3.96
C ASP A 50 10.20 1.04 4.09
N GLU A 51 9.87 1.69 5.20
CA GLU A 51 10.26 3.09 5.34
C GLU A 51 11.60 3.20 6.10
N TYR A 52 12.58 3.82 5.45
CA TYR A 52 13.91 4.00 6.02
C TYR A 52 13.86 5.14 7.03
N MET A 53 14.23 4.81 8.27
CA MET A 53 14.25 5.70 9.42
C MET A 53 15.61 6.41 9.63
N GLY A 54 16.69 5.71 9.32
CA GLY A 54 18.01 6.25 9.50
C GLY A 54 19.06 5.21 9.87
N HIS A 55 20.17 5.72 10.38
CA HIS A 55 21.32 4.89 10.75
C HIS A 55 21.22 4.57 12.24
N LYS A 56 21.37 3.31 12.62
CA LYS A 56 21.30 2.99 14.02
C LYS A 56 22.59 3.56 14.65
N TRP A 57 22.47 4.30 15.74
CA TRP A 57 21.18 4.74 16.31
C TRP A 57 21.43 6.22 16.53
N GLN A 58 21.52 6.96 15.44
CA GLN A 58 21.83 8.38 15.50
C GLN A 58 20.67 9.30 15.85
N CYS A 59 20.98 10.55 16.17
CA CYS A 59 19.93 11.51 16.52
C CYS A 59 18.82 11.57 15.45
N VAL A 60 19.21 11.64 14.17
CA VAL A 60 18.28 11.73 13.04
C VAL A 60 17.32 10.51 12.95
N GLU A 61 17.86 9.32 13.15
CA GLU A 61 17.10 8.09 13.12
C GLU A 61 15.98 8.12 14.20
N PHE A 62 16.29 8.55 15.41
CA PHE A 62 15.25 8.64 16.44
C PHE A 62 14.18 9.67 16.05
N ALA A 63 14.59 10.87 15.60
CA ALA A 63 13.64 11.90 15.19
C ALA A 63 12.72 11.43 14.07
N ARG A 64 13.28 10.77 13.07
CA ARG A 64 12.44 10.34 11.96
C ARG A 64 11.46 9.20 12.39
N ARG A 65 11.96 8.24 13.19
CA ARG A 65 11.14 7.13 13.65
C ARG A 65 10.04 7.66 14.58
N PHE A 66 10.36 8.66 15.41
CA PHE A 66 9.37 9.26 16.31
C PHE A 66 8.27 9.91 15.47
N LEU A 67 8.64 10.76 14.54
CA LEU A 67 7.64 11.41 13.71
C LEU A 67 6.81 10.41 12.87
N PHE A 68 7.41 9.29 12.44
CA PHE A 68 6.68 8.36 11.60
C PHE A 68 5.76 7.49 12.42
N LEU A 69 6.23 7.07 13.60
CA LEU A 69 5.38 6.24 14.41
C LEU A 69 4.27 7.02 15.03
N ASN A 70 4.49 8.29 15.38
CA ASN A 70 3.41 8.99 16.04
C ASN A 70 2.55 9.80 15.11
N TYR A 71 3.09 10.26 13.98
CA TYR A 71 2.30 11.09 13.08
C TYR A 71 2.33 10.60 11.65
N GLY A 72 2.97 9.46 11.42
CA GLY A 72 3.04 8.93 10.06
C GLY A 72 3.62 9.90 9.05
N VAL A 73 4.57 10.73 9.47
CA VAL A 73 5.19 11.63 8.49
C VAL A 73 6.66 11.45 8.61
N VAL A 74 7.36 11.88 7.58
CA VAL A 74 8.80 11.75 7.56
C VAL A 74 9.49 12.92 6.85
N PHE A 75 10.77 13.13 7.19
CA PHE A 75 11.54 14.15 6.48
C PHE A 75 12.62 13.42 5.67
N THR A 76 13.00 14.09 4.61
CA THR A 76 13.95 13.63 3.64
C THR A 76 15.33 13.33 4.23
N ASP A 77 16.04 12.49 3.52
CA ASP A 77 17.39 12.12 3.90
C ASP A 77 18.25 13.41 3.97
N VAL A 78 19.19 13.43 4.92
CA VAL A 78 20.10 14.56 5.15
C VAL A 78 21.43 13.99 5.56
N GLY A 79 22.50 14.69 5.19
CA GLY A 79 23.83 14.21 5.58
C GLY A 79 24.05 14.41 7.09
N MET A 80 23.75 15.60 7.61
CA MET A 80 23.94 15.88 9.05
C MET A 80 22.66 16.49 9.62
N ALA A 81 22.45 16.28 10.92
CA ALA A 81 21.27 16.79 11.59
C ALA A 81 21.01 18.28 11.36
N TRP A 82 22.06 19.12 11.40
CA TRP A 82 21.85 20.54 11.25
C TRP A 82 21.07 20.89 10.01
N GLU A 83 21.21 20.08 8.99
CA GLU A 83 20.46 20.38 7.76
C GLU A 83 18.96 20.29 7.86
N ILE A 84 18.43 19.58 8.86
CA ILE A 84 16.98 19.50 8.94
C ILE A 84 16.37 20.93 9.03
N PHE A 85 17.04 21.86 9.71
CA PHE A 85 16.51 23.22 9.90
C PHE A 85 16.16 23.95 8.62
N SER A 86 16.79 23.53 7.53
CA SER A 86 16.64 24.09 6.19
C SER A 86 15.51 23.45 5.42
N LEU A 87 14.95 22.36 5.91
CA LEU A 87 13.83 21.70 5.24
C LEU A 87 12.50 22.47 5.40
N ARG A 88 11.66 22.38 4.38
CA ARG A 88 10.39 23.06 4.46
C ARG A 88 9.18 22.17 4.13
N PHE A 89 9.37 20.86 4.20
CA PHE A 89 8.26 19.96 3.93
C PHE A 89 8.45 18.67 4.72
N LEU A 90 7.33 18.00 4.97
CA LEU A 90 7.37 16.67 5.51
C LEU A 90 6.52 15.79 4.55
N ARG A 91 6.93 14.53 4.38
CA ARG A 91 6.14 13.63 3.55
C ARG A 91 5.16 12.82 4.44
N GLU A 92 3.89 12.78 4.04
CA GLU A 92 2.88 12.00 4.77
C GLU A 92 2.92 10.64 4.08
N VAL A 93 3.47 9.64 4.74
CA VAL A 93 3.63 8.34 4.13
C VAL A 93 2.40 7.63 3.52
N VAL A 94 1.26 7.57 4.20
CA VAL A 94 0.15 6.82 3.63
C VAL A 94 -0.45 7.27 2.30
N ASN A 95 -0.32 8.55 1.96
CA ASN A 95 -0.85 9.04 0.70
C ASN A 95 0.27 9.80 -0.13
N ASP A 96 1.50 9.68 0.32
CA ASP A 96 2.63 10.32 -0.34
C ASP A 96 2.43 11.78 -0.59
N ASN A 97 1.68 12.38 0.32
CA ASN A 97 1.37 13.78 0.33
C ASN A 97 2.51 14.61 0.93
N ILE A 98 2.58 15.88 0.58
CA ILE A 98 3.65 16.76 1.05
C ILE A 98 3.09 17.84 1.94
N LEU A 99 3.46 17.86 3.23
CA LEU A 99 2.95 18.89 4.17
C LEU A 99 3.99 19.98 4.45
N PRO A 100 3.53 21.24 4.59
CA PRO A 100 4.43 22.39 4.87
C PRO A 100 5.07 22.31 6.26
N LEU A 101 6.35 22.60 6.34
CA LEU A 101 7.03 22.56 7.61
C LEU A 101 7.70 23.93 7.81
N GLN A 102 7.42 24.59 8.94
CA GLN A 102 8.02 25.93 9.16
C GLN A 102 9.07 25.81 10.20
N ALA A 103 10.04 26.72 10.11
CA ALA A 103 11.19 26.82 10.99
C ALA A 103 11.08 28.13 11.83
N PHE A 104 11.43 28.05 13.10
CA PHE A 104 11.37 29.23 13.93
C PHE A 104 12.68 29.30 14.65
N PRO A 105 13.32 30.47 14.66
CA PRO A 105 14.61 30.65 15.33
C PRO A 105 14.53 30.61 16.85
N ASN A 106 15.58 30.09 17.51
CA ASN A 106 15.60 30.10 18.99
C ASN A 106 15.35 31.58 19.35
N GLY A 107 14.44 31.83 20.30
CA GLY A 107 14.12 33.19 20.67
C GLY A 107 13.06 33.61 19.67
N SER A 108 11.88 33.03 19.79
CA SER A 108 10.78 33.34 18.87
C SER A 108 9.40 33.60 19.51
N PRO A 109 8.55 34.38 18.82
CA PRO A 109 7.24 34.60 19.42
C PRO A 109 6.51 33.26 19.29
N ARG A 110 7.01 32.38 18.42
CA ARG A 110 6.36 31.07 18.23
C ARG A 110 6.89 30.07 19.26
N ALA A 111 6.05 29.69 20.20
CA ALA A 111 6.49 28.77 21.22
C ALA A 111 6.75 27.37 20.69
N PRO A 112 7.73 26.70 21.28
CA PRO A 112 8.08 25.33 20.87
C PRO A 112 7.04 24.39 21.48
N VAL A 113 6.14 23.84 20.66
CA VAL A 113 5.13 22.95 21.17
C VAL A 113 5.61 21.49 21.27
N ALA A 114 4.87 20.63 21.97
CA ALA A 114 5.25 19.23 22.08
C ALA A 114 5.12 18.67 20.67
N GLY A 115 5.98 17.73 20.29
CA GLY A 115 5.94 17.17 18.96
C GLY A 115 6.93 17.84 18.01
N ALA A 116 7.33 19.08 18.30
CA ALA A 116 8.27 19.77 17.44
C ALA A 116 9.70 19.24 17.34
N LEU A 117 10.26 19.38 16.14
CA LEU A 117 11.66 19.00 15.91
C LEU A 117 12.48 20.14 16.50
N LEU A 118 13.57 19.81 17.18
CA LEU A 118 14.43 20.81 17.79
C LEU A 118 15.81 20.60 17.15
N ILE A 119 16.29 21.62 16.43
CA ILE A 119 17.58 21.47 15.74
C ILE A 119 18.74 22.30 16.26
N TRP A 120 19.90 21.67 16.38
CA TRP A 120 21.15 22.31 16.80
C TRP A 120 21.96 22.51 15.51
N ASP A 121 22.73 23.59 15.47
CA ASP A 121 23.55 23.81 14.31
C ASP A 121 24.85 23.03 14.58
N LYS A 122 25.74 22.91 13.61
CA LYS A 122 26.98 22.21 13.95
C LYS A 122 27.79 23.15 14.88
N GLY A 123 28.65 22.58 15.72
CA GLY A 123 29.45 23.38 16.64
C GLY A 123 29.39 22.96 18.11
N GLY A 124 30.55 23.06 18.79
CA GLY A 124 30.72 22.73 20.21
C GLY A 124 30.57 21.25 20.45
N GLU A 125 29.70 20.91 21.38
CA GLU A 125 29.38 19.52 21.69
C GLU A 125 28.95 18.77 20.42
N PHE A 126 28.30 19.46 19.49
CA PHE A 126 27.85 18.77 18.27
C PHE A 126 28.65 19.17 17.04
N LYS A 127 29.98 19.27 17.25
CA LYS A 127 30.97 19.63 16.25
C LYS A 127 30.54 19.69 14.79
N ASP A 128 30.53 18.58 14.10
CA ASP A 128 30.21 18.66 12.68
C ASP A 128 28.79 18.39 12.23
N THR A 129 28.21 17.44 12.94
CA THR A 129 26.88 16.90 12.74
C THR A 129 25.74 17.83 13.08
N GLY A 130 25.88 18.61 14.14
CA GLY A 130 24.77 19.43 14.60
C GLY A 130 23.99 18.38 15.43
N HIS A 131 22.70 18.60 15.66
CA HIS A 131 21.93 17.61 16.40
C HIS A 131 20.47 17.86 16.23
N VAL A 132 19.65 16.85 16.55
CA VAL A 132 18.21 16.99 16.50
C VAL A 132 17.56 16.18 17.61
N ALA A 133 16.54 16.78 18.20
CA ALA A 133 15.77 16.16 19.24
C ALA A 133 14.30 16.41 19.03
N ILE A 134 13.46 15.80 19.85
CA ILE A 134 12.02 16.00 19.77
C ILE A 134 11.60 16.63 21.12
N ILE A 135 10.76 17.66 21.04
CA ILE A 135 10.27 18.27 22.24
C ILE A 135 9.05 17.42 22.74
N THR A 136 9.13 16.90 23.94
CA THR A 136 8.06 16.06 24.48
C THR A 136 7.05 16.80 25.36
N GLN A 137 7.51 17.83 26.06
CA GLN A 137 6.59 18.59 26.90
C GLN A 137 7.08 19.98 27.24
N LEU A 138 6.18 20.94 27.12
CA LEU A 138 6.53 22.29 27.38
C LEU A 138 5.96 22.75 28.72
N HIS A 139 6.78 23.48 29.47
CA HIS A 139 6.37 24.02 30.76
C HIS A 139 6.45 25.56 30.68
N GLY A 140 6.52 26.21 31.86
CA GLY A 140 6.59 27.65 31.89
C GLY A 140 8.02 28.14 31.86
N ASN A 141 8.92 27.34 32.42
CA ASN A 141 10.33 27.68 32.51
C ASN A 141 11.27 26.62 31.90
N LYS A 142 10.71 25.66 31.18
CA LYS A 142 11.51 24.61 30.54
C LYS A 142 10.75 23.75 29.58
N VAL A 143 11.50 22.90 28.88
CA VAL A 143 10.89 21.95 27.98
C VAL A 143 11.62 20.69 28.23
N ARG A 144 10.95 19.58 27.96
CA ARG A 144 11.58 18.28 28.07
C ARG A 144 11.71 17.78 26.62
N ILE A 145 12.78 17.02 26.36
CA ILE A 145 13.05 16.54 25.02
C ILE A 145 13.51 15.11 25.08
N ALA A 146 13.43 14.43 23.92
CA ALA A 146 13.90 13.01 23.77
C ALA A 146 14.84 13.00 22.57
N GLU A 147 15.84 12.15 22.57
CA GLU A 147 16.78 12.17 21.48
C GLU A 147 17.57 10.94 21.65
N GLN A 148 18.37 10.66 20.65
CA GLN A 148 19.17 9.48 20.69
C GLN A 148 20.68 9.62 20.74
N ASN A 149 21.33 10.61 20.19
CA ASN A 149 22.79 10.41 20.33
C ASN A 149 23.51 11.25 21.43
N VAL A 150 22.89 11.42 22.59
CA VAL A 150 23.45 12.18 23.68
C VAL A 150 23.59 11.31 24.94
N ILE A 151 22.48 10.73 25.38
CA ILE A 151 22.43 9.87 26.58
C ILE A 151 22.65 8.43 26.14
N HIS A 152 23.66 7.73 26.63
CA HIS A 152 23.80 6.33 26.24
C HIS A 152 23.54 5.36 27.40
N SER A 153 23.02 5.90 28.50
CA SER A 153 22.73 5.06 29.66
C SER A 153 21.20 4.96 29.92
N PRO A 154 20.74 3.81 30.44
CA PRO A 154 19.33 3.56 30.74
C PRO A 154 18.67 4.74 31.38
N LEU A 155 17.40 4.96 31.10
CA LEU A 155 16.80 6.12 31.71
C LEU A 155 15.96 5.68 32.88
N PRO A 156 15.62 6.63 33.74
CA PRO A 156 14.81 6.46 34.94
C PRO A 156 13.53 5.76 34.52
N GLN A 157 13.22 4.65 35.15
CA GLN A 157 12.02 3.87 34.81
C GLN A 157 10.80 4.72 34.45
N GLY A 158 10.26 4.46 33.25
CA GLY A 158 9.07 5.18 32.78
C GLY A 158 9.27 6.63 32.39
N GLN A 159 10.51 7.13 32.47
CA GLN A 159 10.78 8.52 32.11
C GLN A 159 10.92 8.49 30.60
N GLN A 160 10.11 9.30 29.92
CA GLN A 160 10.10 9.34 28.49
C GLN A 160 10.66 10.65 27.89
N TRP A 161 11.74 11.13 28.50
CA TRP A 161 12.47 12.30 28.02
C TRP A 161 13.92 12.10 28.45
N THR A 162 14.86 12.65 27.68
CA THR A 162 16.27 12.47 28.00
C THR A 162 16.90 13.67 28.73
N ARG A 163 16.45 14.88 28.46
CA ARG A 163 17.07 16.02 29.12
C ARG A 163 16.02 17.07 29.24
N GLU A 164 16.23 18.07 30.08
CA GLU A 164 15.26 19.18 30.16
C GLU A 164 16.10 20.42 29.89
N LEU A 165 15.54 21.36 29.14
CA LEU A 165 16.28 22.57 28.84
C LEU A 165 15.47 23.71 29.41
N GLU A 166 16.21 24.68 29.96
CA GLU A 166 15.62 25.84 30.56
C GLU A 166 15.03 26.69 29.45
N MET A 167 13.80 27.13 29.65
CA MET A 167 13.18 27.96 28.66
C MET A 167 12.91 29.34 29.26
N VAL A 168 13.51 30.36 28.66
CA VAL A 168 13.30 31.72 29.12
C VAL A 168 12.25 32.39 28.26
N VAL A 169 11.29 33.01 28.94
CA VAL A 169 10.19 33.67 28.28
C VAL A 169 10.07 35.18 28.59
N GLU A 170 10.62 36.04 27.74
CA GLU A 170 10.57 37.48 27.93
C GLU A 170 9.75 38.15 26.84
N ASN A 171 8.72 38.87 27.24
CA ASN A 171 7.86 39.61 26.32
C ASN A 171 7.32 38.85 25.12
N GLY A 172 6.55 37.79 25.39
CA GLY A 172 5.97 37.00 24.32
C GLY A 172 6.96 36.16 23.51
N CYS A 173 8.28 36.37 23.72
CA CYS A 173 9.38 35.67 23.02
C CYS A 173 9.96 34.47 23.77
N TYR A 174 10.03 33.32 23.10
CA TYR A 174 10.55 32.11 23.76
C TYR A 174 12.00 31.79 23.39
N THR A 175 12.83 31.50 24.40
CA THR A 175 14.24 31.19 24.20
C THR A 175 14.66 29.97 25.02
N LEU A 176 15.37 29.05 24.39
CA LEU A 176 15.80 27.85 25.05
C LEU A 176 17.27 27.92 25.27
N LYS A 177 17.74 27.32 26.35
CA LYS A 177 19.15 27.34 26.65
C LYS A 177 19.52 25.87 26.78
N ASP A 178 20.63 25.47 26.13
CA ASP A 178 21.10 24.09 26.08
C ASP A 178 21.82 23.73 27.36
N THR A 179 22.02 22.45 27.61
CA THR A 179 22.69 22.09 28.81
C THR A 179 24.18 22.15 28.52
N PHE A 180 24.53 22.38 27.27
CA PHE A 180 25.95 22.47 26.96
C PHE A 180 26.29 23.96 26.86
N ASP A 181 27.54 24.32 27.16
CA ASP A 181 27.93 25.75 27.10
C ASP A 181 28.57 26.20 25.79
N ASP A 182 28.78 25.30 24.85
CA ASP A 182 29.44 25.67 23.57
C ASP A 182 28.59 25.34 22.31
N THR A 183 27.32 25.01 22.52
CA THR A 183 26.41 24.62 21.45
C THR A 183 25.52 25.73 20.93
N THR A 184 25.05 25.55 19.71
CA THR A 184 24.19 26.55 19.11
C THR A 184 22.83 25.95 18.72
N ILE A 185 21.76 26.37 19.39
CA ILE A 185 20.44 25.86 19.04
C ILE A 185 19.84 26.72 17.90
N LEU A 186 19.60 26.11 16.75
CA LEU A 186 19.02 26.89 15.67
C LEU A 186 17.55 27.26 15.96
N GLY A 187 16.76 26.28 16.34
CA GLY A 187 15.35 26.55 16.57
C GLY A 187 14.57 25.25 16.49
N TRP A 188 13.26 25.46 16.29
CA TRP A 188 12.31 24.37 16.24
C TRP A 188 11.42 24.44 14.98
N MET A 189 10.80 23.32 14.65
CA MET A 189 10.02 23.31 13.43
C MET A 189 8.64 22.79 13.68
N ILE A 190 7.66 23.44 13.11
CA ILE A 190 6.30 22.99 13.30
C ILE A 190 5.61 22.73 11.96
N GLN A 191 4.93 21.57 11.89
CA GLN A 191 4.19 21.20 10.69
C GLN A 191 2.93 22.02 10.71
N THR A 192 2.93 23.14 9.98
CA THR A 192 1.78 24.03 9.94
C THR A 192 1.78 24.95 8.70
N GLU A 193 0.58 25.34 8.27
CA GLU A 193 0.47 26.23 7.14
C GLU A 193 0.73 27.66 7.60
N ASP A 194 0.62 27.90 8.90
CA ASP A 194 0.84 29.23 9.48
C ASP A 194 2.28 29.66 9.35
N THR A 195 2.55 30.69 8.55
CA THR A 195 3.91 31.17 8.31
C THR A 195 4.40 32.26 9.21
N GLU A 196 3.49 32.78 10.03
CA GLU A 196 3.84 33.87 10.93
C GLU A 196 5.01 33.48 11.86
N TYR A 197 5.98 34.38 11.97
CA TYR A 197 7.19 34.22 12.81
C TYR A 197 8.23 33.33 12.15
N SER A 198 7.83 32.47 11.22
CA SER A 198 8.78 31.57 10.56
C SER A 198 9.89 32.20 9.71
N LEU A 199 10.91 31.39 9.47
CA LEU A 199 12.07 31.75 8.69
C LEU A 199 11.87 31.52 7.22
N PRO A 200 12.44 32.39 6.39
CA PRO A 200 12.23 32.13 4.96
C PRO A 200 13.19 30.99 4.65
N GLN A 201 12.86 30.18 3.65
CA GLN A 201 13.72 29.07 3.31
C GLN A 201 15.09 29.55 2.89
N PRO A 202 16.13 29.11 3.60
CA PRO A 202 17.43 29.61 3.18
C PRO A 202 17.70 29.40 1.70
N GLU A 203 18.45 30.34 1.14
CA GLU A 203 18.88 30.28 -0.26
C GLU A 203 20.39 30.50 -0.23
N ILE A 204 21.12 29.72 -1.02
CA ILE A 204 22.57 29.84 -1.06
C ILE A 204 23.00 31.03 -1.93
N ALA A 205 24.14 31.61 -1.60
CA ALA A 205 24.71 32.73 -2.33
C ALA A 205 25.18 32.28 -3.71
N GLY A 206 24.73 32.93 -4.76
CA GLY A 206 25.16 32.53 -6.10
C GLY A 206 26.62 32.15 -6.26
N GLU A 207 27.49 33.03 -5.80
CA GLU A 207 28.93 32.86 -5.89
C GLU A 207 29.37 31.45 -5.46
N LEU A 208 28.77 30.90 -4.42
CA LEU A 208 29.12 29.56 -4.03
C LEU A 208 28.72 28.49 -5.06
N LEU A 209 27.87 28.85 -6.02
CA LEU A 209 27.44 27.90 -7.03
C LEU A 209 28.21 27.97 -8.37
N LYS A 210 29.18 28.88 -8.48
CA LYS A 210 29.90 28.99 -9.76
C LYS A 210 30.82 27.77 -9.91
N ILE A 211 30.90 27.26 -11.13
CA ILE A 211 31.77 26.13 -11.43
C ILE A 211 33.05 26.78 -11.95
N SER A 212 34.21 26.40 -11.45
CA SER A 212 35.48 26.97 -11.91
C SER A 212 36.36 25.94 -12.61
N GLY A 213 37.12 26.39 -13.61
CA GLY A 213 38.00 25.45 -14.28
C GLY A 213 39.32 25.38 -13.53
N ALA A 214 40.14 24.37 -13.80
CA ALA A 214 41.43 24.20 -13.14
C ALA A 214 42.22 23.30 -14.07
N ARG A 215 43.52 23.21 -13.79
CA ARG A 215 44.45 22.40 -14.56
C ARG A 215 45.44 21.66 -13.67
N LEU A 216 45.72 20.42 -14.01
CA LEU A 216 46.66 19.63 -13.28
C LEU A 216 48.02 19.99 -13.84
N GLU A 217 49.10 19.72 -13.15
CA GLU A 217 50.37 20.02 -13.76
C GLU A 217 50.65 18.87 -14.76
N ASN A 218 51.02 19.23 -15.98
CA ASN A 218 51.29 18.21 -16.95
C ASN A 218 52.68 17.64 -16.81
N LYS A 219 52.71 16.42 -16.31
CA LYS A 219 53.93 15.68 -16.13
C LYS A 219 53.70 14.38 -16.89
N GLY A 220 52.85 14.43 -17.93
CA GLY A 220 52.52 13.24 -18.71
C GLY A 220 51.75 12.12 -17.99
N GLN A 221 50.86 12.46 -17.08
CA GLN A 221 50.15 11.41 -16.35
C GLN A 221 49.14 10.67 -17.23
N PHE A 222 48.70 11.30 -18.31
CA PHE A 222 47.73 10.69 -19.20
C PHE A 222 48.25 10.42 -20.64
N ASP A 223 49.56 10.26 -20.79
CA ASP A 223 50.22 10.01 -22.09
C ASP A 223 49.81 8.70 -22.75
N GLY A 224 49.93 7.61 -21.99
CA GLY A 224 49.63 6.31 -22.53
C GLY A 224 48.38 5.64 -21.98
N LYS A 225 48.55 4.41 -21.50
CA LYS A 225 47.44 3.64 -20.96
C LYS A 225 47.28 3.92 -19.48
N TRP A 226 46.57 4.98 -19.15
CA TRP A 226 46.39 5.31 -17.75
C TRP A 226 45.22 4.56 -17.14
N LEU A 227 44.38 3.98 -17.98
CA LEU A 227 43.28 3.16 -17.51
C LEU A 227 43.82 1.73 -17.47
N ASP A 228 43.53 1.03 -16.37
CA ASP A 228 44.02 -0.33 -16.15
C ASP A 228 43.29 -1.37 -16.95
N GLU A 229 43.89 -1.81 -18.05
CA GLU A 229 43.18 -2.77 -18.91
C GLU A 229 43.03 -4.15 -18.35
N LYS A 230 43.70 -4.38 -17.22
CA LYS A 230 43.57 -5.66 -16.54
C LYS A 230 42.19 -5.74 -15.89
N ASP A 231 41.66 -4.62 -15.40
CA ASP A 231 40.28 -4.56 -14.84
C ASP A 231 39.28 -4.71 -16.02
N PRO A 232 38.51 -5.81 -16.07
CA PRO A 232 37.54 -6.04 -17.15
C PRO A 232 36.62 -4.82 -17.42
N LEU A 233 36.22 -4.14 -16.34
CA LEU A 233 35.34 -2.96 -16.43
C LEU A 233 36.01 -1.84 -17.16
N GLN A 234 37.21 -1.49 -16.71
CA GLN A 234 37.95 -0.43 -17.37
C GLN A 234 38.25 -0.80 -18.85
N ASN A 235 38.49 -2.08 -19.12
CA ASN A 235 38.77 -2.50 -20.50
C ASN A 235 37.50 -2.44 -21.35
N ALA A 236 36.36 -2.73 -20.73
CA ALA A 236 35.11 -2.66 -21.50
C ALA A 236 34.97 -1.19 -21.85
N TYR A 237 35.34 -0.31 -20.94
CA TYR A 237 35.22 1.12 -21.23
C TYR A 237 36.18 1.50 -22.37
N VAL A 238 37.43 1.04 -22.29
CA VAL A 238 38.38 1.33 -23.35
C VAL A 238 37.92 0.74 -24.70
N GLN A 239 37.42 -0.50 -24.70
CA GLN A 239 36.99 -1.05 -25.99
C GLN A 239 35.93 -0.15 -26.64
N ALA A 240 35.14 0.53 -25.83
CA ALA A 240 34.15 1.40 -26.39
C ALA A 240 34.61 2.84 -26.65
N ASN A 241 35.55 3.33 -25.84
CA ASN A 241 35.96 4.72 -25.95
C ASN A 241 37.45 5.02 -26.10
N GLY A 242 38.29 4.00 -26.01
CA GLY A 242 39.71 4.23 -26.02
C GLY A 242 40.14 4.68 -24.61
N GLN A 243 41.41 5.03 -24.46
CA GLN A 243 41.95 5.55 -23.20
C GLN A 243 41.61 7.03 -23.13
N VAL A 244 40.33 7.35 -23.09
CA VAL A 244 39.88 8.70 -23.11
C VAL A 244 38.66 9.01 -22.25
N ILE A 245 38.63 10.25 -21.70
CA ILE A 245 37.45 10.69 -20.97
C ILE A 245 36.93 11.97 -21.53
N ASN A 246 37.85 12.89 -21.81
CA ASN A 246 37.42 14.17 -22.37
C ASN A 246 38.43 14.63 -23.36
N GLN A 247 38.20 15.79 -23.96
CA GLN A 247 39.20 16.24 -24.91
C GLN A 247 40.54 16.52 -24.23
N ASP A 248 40.57 17.19 -23.07
CA ASP A 248 41.86 17.47 -22.41
C ASP A 248 41.92 17.03 -20.95
N PRO A 249 42.45 15.83 -20.70
CA PRO A 249 42.56 15.24 -19.34
C PRO A 249 43.36 15.99 -18.27
N TYR A 250 44.04 17.02 -18.66
CA TYR A 250 44.80 17.73 -17.68
C TYR A 250 43.89 18.84 -17.18
N HIS A 251 42.75 19.05 -17.80
CA HIS A 251 41.88 20.12 -17.34
C HIS A 251 40.78 19.53 -16.46
N TYR A 252 40.30 20.31 -15.50
CA TYR A 252 39.16 19.87 -14.69
C TYR A 252 38.34 21.04 -14.20
N TYR A 253 37.27 20.73 -13.46
CA TYR A 253 36.39 21.75 -12.89
C TYR A 253 36.16 21.46 -11.42
N THR A 254 35.82 22.50 -10.69
CA THR A 254 35.60 22.39 -9.27
C THR A 254 34.34 23.10 -8.89
N ILE A 255 33.78 22.63 -7.79
CA ILE A 255 32.61 23.25 -7.25
C ILE A 255 32.90 23.20 -5.76
N THR A 256 32.32 24.13 -5.02
CA THR A 256 32.50 24.18 -3.57
C THR A 256 31.72 23.11 -2.83
N GLU A 257 32.14 22.85 -1.61
CA GLU A 257 31.41 21.89 -0.81
C GLU A 257 29.98 22.43 -0.55
N SER A 258 29.81 23.75 -0.43
CA SER A 258 28.47 24.30 -0.22
C SER A 258 27.66 24.00 -1.47
N ALA A 259 28.26 24.10 -2.67
CA ALA A 259 27.45 23.78 -3.86
C ALA A 259 27.03 22.27 -3.82
N GLU A 260 27.94 21.38 -3.44
CA GLU A 260 27.60 19.96 -3.36
C GLU A 260 26.45 19.73 -2.36
N GLN A 261 26.57 20.33 -1.18
CA GLN A 261 25.50 20.21 -0.18
C GLN A 261 24.20 20.69 -0.82
N GLU A 262 24.27 21.76 -1.61
CA GLU A 262 23.04 22.19 -2.26
C GLU A 262 22.51 21.12 -3.26
N LEU A 263 23.41 20.53 -4.06
CA LEU A 263 23.00 19.51 -5.06
C LEU A 263 22.38 18.31 -4.33
N ILE A 264 22.94 17.95 -3.18
CA ILE A 264 22.40 16.88 -2.40
C ILE A 264 20.97 17.26 -1.99
N LYS A 265 20.86 18.43 -1.40
CA LYS A 265 19.57 18.88 -0.92
C LYS A 265 18.53 18.86 -2.05
N ALA A 266 18.93 19.36 -3.22
CA ALA A 266 17.98 19.45 -4.34
C ALA A 266 17.61 18.09 -4.90
N THR A 267 18.60 17.18 -4.91
CA THR A 267 18.35 15.86 -5.46
C THR A 267 17.33 15.16 -4.61
N ASN A 268 17.50 15.19 -3.29
CA ASN A 268 16.56 14.51 -2.42
C ASN A 268 15.14 15.08 -2.47
N GLU A 269 15.04 16.41 -2.56
CA GLU A 269 13.75 17.12 -2.59
C GLU A 269 13.04 16.88 -3.88
N LEU A 270 13.79 17.04 -4.98
CA LEU A 270 13.19 16.85 -6.30
C LEU A 270 12.77 15.40 -6.48
N HIS A 271 13.54 14.44 -5.93
CA HIS A 271 13.12 13.05 -6.11
C HIS A 271 11.74 12.86 -5.42
N LEU A 272 11.56 13.44 -4.22
CA LEU A 272 10.25 13.34 -3.53
C LEU A 272 9.20 14.16 -4.29
N MET A 273 9.57 15.26 -4.89
CA MET A 273 8.54 16.02 -5.63
C MET A 273 8.09 15.21 -6.85
N TYR A 274 9.09 14.63 -7.52
CA TYR A 274 8.79 13.83 -8.69
C TYR A 274 7.90 12.66 -8.28
N LEU A 275 8.18 12.00 -7.14
CA LEU A 275 7.33 10.86 -6.76
C LEU A 275 5.92 11.34 -6.38
N HIS A 276 5.85 12.55 -5.79
CA HIS A 276 4.58 13.15 -5.44
C HIS A 276 3.79 13.39 -6.73
N ALA A 277 4.41 13.99 -7.75
CA ALA A 277 3.67 14.22 -9.01
C ALA A 277 3.25 12.89 -9.69
N THR A 278 4.06 11.84 -9.50
CA THR A 278 3.79 10.53 -10.06
C THR A 278 2.51 9.98 -9.40
N ASP A 279 2.49 9.98 -8.08
CA ASP A 279 1.30 9.58 -7.34
C ASP A 279 0.04 10.35 -7.85
N LYS A 280 0.17 11.66 -8.05
CA LYS A 280 -0.97 12.46 -8.54
C LYS A 280 -1.37 12.04 -9.94
N VAL A 281 -0.38 11.82 -10.79
CA VAL A 281 -0.70 11.38 -12.14
C VAL A 281 -1.46 10.04 -12.11
N LEU A 282 -0.94 9.08 -11.35
CA LEU A 282 -1.56 7.76 -11.34
C LEU A 282 -2.93 7.71 -10.69
N LYS A 283 -3.30 8.82 -10.04
CA LYS A 283 -4.59 8.99 -9.36
C LYS A 283 -5.63 9.69 -10.22
N ASP A 284 -5.22 10.18 -11.39
CA ASP A 284 -6.16 10.92 -12.27
C ASP A 284 -5.95 10.64 -13.77
N ASP A 285 -6.88 9.95 -14.39
CA ASP A 285 -6.82 9.66 -15.80
C ASP A 285 -6.53 10.87 -16.68
N ASN A 286 -7.07 12.03 -16.33
CA ASN A 286 -6.85 13.21 -17.14
C ASN A 286 -5.42 13.60 -17.22
N LEU A 287 -4.67 13.34 -16.16
CA LEU A 287 -3.24 13.63 -16.16
C LEU A 287 -2.45 12.52 -16.88
N LEU A 288 -2.81 11.25 -16.61
CA LEU A 288 -2.14 10.09 -17.19
C LEU A 288 -2.19 10.12 -18.69
N ALA A 289 -3.37 10.48 -19.21
CA ALA A 289 -3.56 10.59 -20.62
C ALA A 289 -2.56 11.52 -21.31
N LEU A 290 -2.04 12.51 -20.59
CA LEU A 290 -1.10 13.43 -21.18
C LEU A 290 0.22 12.76 -21.57
N PHE A 291 0.50 11.58 -21.02
CA PHE A 291 1.75 10.89 -21.27
C PHE A 291 1.86 10.04 -22.56
N ASP A 292 0.77 9.88 -23.30
CA ASP A 292 0.76 9.09 -24.51
C ASP A 292 1.28 7.65 -24.30
N ILE A 293 1.01 7.06 -23.15
CA ILE A 293 1.37 5.67 -22.89
C ILE A 293 0.10 4.85 -23.26
N PRO A 294 0.26 3.74 -24.00
CA PRO A 294 -0.85 2.86 -24.44
C PRO A 294 -1.78 2.63 -23.28
N LYS A 295 -3.07 2.88 -23.48
CA LYS A 295 -4.04 2.70 -22.42
C LYS A 295 -4.05 1.32 -21.75
N ILE A 296 -3.74 0.28 -22.51
CA ILE A 296 -3.71 -1.04 -21.95
C ILE A 296 -2.76 -1.17 -20.74
N LEU A 297 -1.70 -0.35 -20.69
CA LEU A 297 -0.77 -0.46 -19.56
C LEU A 297 -1.17 0.26 -18.28
N TRP A 298 -2.15 1.18 -18.39
CA TRP A 298 -2.56 2.02 -17.23
C TRP A 298 -2.80 1.23 -15.96
N PRO A 299 -3.55 0.11 -16.04
CA PRO A 299 -3.77 -0.63 -14.78
C PRO A 299 -2.46 -1.14 -14.24
N ARG A 300 -1.55 -1.50 -15.14
CA ARG A 300 -0.23 -2.04 -14.76
C ARG A 300 0.67 -0.96 -14.13
N LEU A 301 0.65 0.23 -14.73
CA LEU A 301 1.45 1.33 -14.17
C LEU A 301 1.03 1.48 -12.71
N ARG A 302 -0.29 1.48 -12.47
CA ARG A 302 -0.82 1.64 -11.10
C ARG A 302 -0.39 0.56 -10.13
N LEU A 303 -0.49 -0.69 -10.57
CA LEU A 303 -0.10 -1.82 -9.74
C LEU A 303 1.36 -1.68 -9.44
N SER A 304 2.14 -1.38 -10.47
CA SER A 304 3.59 -1.18 -10.27
C SER A 304 3.83 -0.08 -9.21
N TRP A 305 3.17 1.08 -9.38
CA TRP A 305 3.39 2.17 -8.39
C TRP A 305 3.05 1.71 -6.98
N GLN A 306 1.96 0.95 -6.81
CA GLN A 306 1.60 0.42 -5.50
C GLN A 306 2.56 -0.67 -4.96
N ARG A 307 2.95 -1.62 -5.79
CA ARG A 307 3.80 -2.70 -5.32
C ARG A 307 5.30 -2.48 -5.32
N ARG A 308 5.79 -1.65 -6.25
CA ARG A 308 7.23 -1.40 -6.37
C ARG A 308 7.65 0.05 -5.97
N ARG A 309 6.82 0.69 -5.13
CA ARG A 309 7.03 2.05 -4.60
C ARG A 309 8.49 2.35 -4.23
N HIS A 310 9.04 1.44 -3.42
CA HIS A 310 10.38 1.52 -2.90
C HIS A 310 11.44 0.74 -3.69
N HIS A 311 11.15 0.34 -4.94
CA HIS A 311 12.13 -0.49 -5.62
C HIS A 311 13.00 0.10 -6.71
N MET A 312 12.97 1.43 -6.91
CA MET A 312 13.82 2.08 -7.89
C MET A 312 15.27 1.96 -7.43
N ILE A 313 16.16 1.61 -8.33
CA ILE A 313 17.55 1.46 -7.93
C ILE A 313 18.33 2.75 -8.17
N THR A 314 18.23 3.30 -9.38
CA THR A 314 19.01 4.48 -9.65
C THR A 314 18.46 5.33 -10.76
N GLY A 315 18.73 6.62 -10.69
CA GLY A 315 18.31 7.54 -11.74
C GLY A 315 19.30 8.74 -11.84
N ARG A 316 19.11 9.64 -12.82
CA ARG A 316 20.03 10.78 -13.00
C ARG A 316 19.30 12.07 -13.33
N MET A 317 19.50 13.13 -12.54
CA MET A 317 18.90 14.42 -12.90
C MET A 317 19.95 15.32 -13.60
N ASP A 318 19.44 16.08 -14.58
CA ASP A 318 20.22 17.00 -15.33
C ASP A 318 19.90 18.44 -14.85
N PHE A 319 20.96 19.17 -14.49
CA PHE A 319 20.77 20.55 -13.98
C PHE A 319 21.62 21.62 -14.63
N CYS A 320 21.14 22.85 -14.45
CA CYS A 320 21.90 24.03 -14.81
C CYS A 320 22.19 24.64 -13.42
N MET A 321 23.47 24.87 -13.14
CA MET A 321 23.90 25.41 -11.87
C MET A 321 24.95 26.47 -12.15
N ASP A 322 24.73 27.66 -11.62
CA ASP A 322 25.67 28.80 -11.74
C ASP A 322 25.13 29.88 -10.80
N GLU A 323 25.78 31.03 -10.77
CA GLU A 323 25.37 32.13 -9.90
C GLU A 323 23.87 32.44 -9.88
N ARG A 324 23.16 32.13 -10.95
CA ARG A 324 21.72 32.42 -10.93
C ARG A 324 20.96 31.44 -10.08
N GLY A 325 21.63 30.36 -9.66
CA GLY A 325 20.98 29.30 -8.90
C GLY A 325 21.01 27.86 -9.53
N LEU A 326 20.03 27.03 -9.15
CA LEU A 326 19.97 25.59 -9.58
C LEU A 326 18.64 25.26 -10.21
N LYS A 327 18.63 24.88 -11.49
CA LYS A 327 17.38 24.52 -12.18
C LYS A 327 17.49 23.09 -12.72
N VAL A 328 16.41 22.33 -12.64
CA VAL A 328 16.42 20.97 -13.12
C VAL A 328 15.74 20.87 -14.48
N TYR A 329 16.47 20.33 -15.44
CA TYR A 329 15.87 20.15 -16.78
C TYR A 329 14.96 18.92 -16.86
N GLU A 330 15.43 17.81 -16.33
CA GLU A 330 14.69 16.54 -16.35
C GLU A 330 15.28 15.57 -15.33
N TYR A 331 14.59 14.44 -15.18
CA TYR A 331 14.97 13.35 -14.29
C TYR A 331 14.87 12.02 -15.07
N ASN A 332 16.01 11.51 -15.50
CA ASN A 332 16.11 10.26 -16.23
C ASN A 332 15.97 9.18 -15.18
N ALA A 333 14.72 8.88 -14.87
CA ALA A 333 14.40 7.94 -13.80
C ALA A 333 14.22 6.48 -14.26
N ASP A 334 14.08 6.26 -15.58
CA ASP A 334 13.89 4.92 -16.14
C ASP A 334 15.24 4.25 -16.48
N SER A 335 15.88 4.65 -17.57
CA SER A 335 17.18 4.08 -17.92
C SER A 335 18.30 5.14 -17.97
N ALA A 336 18.98 5.36 -16.89
CA ALA A 336 20.00 6.41 -16.91
C ALA A 336 21.40 5.82 -16.94
N SER A 337 22.35 6.47 -17.58
CA SER A 337 23.70 5.95 -17.55
C SER A 337 24.63 7.08 -16.99
N CYS A 338 25.94 6.93 -17.22
CA CYS A 338 27.00 7.83 -16.79
C CYS A 338 27.63 7.35 -15.48
N HIS A 339 27.05 6.30 -14.89
CA HIS A 339 27.60 5.76 -13.62
C HIS A 339 29.09 5.32 -13.69
N THR A 340 29.47 4.65 -14.80
CA THR A 340 30.82 4.19 -14.95
C THR A 340 31.75 5.36 -15.04
N GLU A 341 31.39 6.33 -15.86
CA GLU A 341 32.21 7.53 -15.99
C GLU A 341 32.45 8.24 -14.66
N ALA A 342 31.37 8.51 -13.94
CA ALA A 342 31.52 9.23 -12.70
C ALA A 342 32.17 8.44 -11.55
N GLY A 343 31.74 7.18 -11.41
CA GLY A 343 32.18 6.36 -10.29
C GLY A 343 33.35 5.43 -10.51
N LEU A 344 33.89 5.34 -11.72
CA LEU A 344 35.07 4.50 -11.88
C LEU A 344 36.14 5.25 -12.69
N ILE A 345 35.83 5.51 -13.95
CA ILE A 345 36.77 6.18 -14.78
C ILE A 345 37.28 7.48 -14.13
N LEU A 346 36.40 8.30 -13.55
CA LEU A 346 36.92 9.55 -12.93
C LEU A 346 37.73 9.30 -11.66
N GLU A 347 37.45 8.17 -11.00
CA GLU A 347 38.22 7.77 -9.82
C GLU A 347 39.63 7.44 -10.30
N ARG A 348 39.73 6.65 -11.38
CA ARG A 348 41.03 6.29 -11.94
C ARG A 348 41.75 7.55 -12.39
N TRP A 349 40.97 8.46 -13.02
CA TRP A 349 41.54 9.75 -13.45
C TRP A 349 42.21 10.45 -12.23
N ALA A 350 41.44 10.59 -11.15
CA ALA A 350 41.95 11.25 -9.95
C ALA A 350 43.17 10.54 -9.39
N GLU A 351 43.08 9.22 -9.27
CA GLU A 351 44.19 8.43 -8.75
C GLU A 351 45.43 8.61 -9.65
N GLN A 352 45.17 8.70 -10.95
CA GLN A 352 46.25 8.81 -11.87
C GLN A 352 46.81 10.22 -11.94
N GLY A 353 45.99 11.24 -11.88
CA GLY A 353 46.55 12.57 -11.99
C GLY A 353 46.22 13.70 -11.04
N TYR A 354 45.29 13.53 -10.10
CA TYR A 354 44.97 14.62 -9.18
C TYR A 354 45.76 14.41 -7.90
N LYS A 355 46.29 15.49 -7.34
CA LYS A 355 47.08 15.38 -6.11
C LYS A 355 46.59 16.38 -5.06
N GLY A 356 45.55 17.12 -5.40
CA GLY A 356 44.96 18.13 -4.51
C GLY A 356 44.23 17.55 -3.33
N ASN A 357 43.49 18.43 -2.67
CA ASN A 357 42.69 18.14 -1.49
C ASN A 357 41.20 17.79 -1.75
N GLY A 358 40.69 18.12 -2.94
CA GLY A 358 39.30 17.83 -3.29
C GLY A 358 38.96 16.37 -3.47
N PHE A 359 37.72 16.09 -3.82
CA PHE A 359 37.33 14.69 -4.04
C PHE A 359 36.31 14.58 -5.16
N ASN A 360 36.30 13.37 -5.74
CA ASN A 360 35.32 12.99 -6.78
C ASN A 360 33.99 12.79 -6.03
N PRO A 361 33.02 13.68 -6.27
CA PRO A 361 31.75 13.52 -5.55
C PRO A 361 30.98 12.22 -5.93
N ALA A 362 31.47 11.46 -6.89
CA ALA A 362 30.77 10.24 -7.27
C ALA A 362 31.55 9.04 -6.82
N GLU A 363 32.58 9.27 -6.02
CA GLU A 363 33.44 8.15 -5.64
C GLU A 363 32.75 6.93 -5.05
N GLY A 364 31.70 7.10 -4.27
CA GLY A 364 31.11 5.93 -3.67
C GLY A 364 29.92 5.33 -4.40
N LEU A 365 29.76 5.69 -5.67
CA LEU A 365 28.62 5.24 -6.44
C LEU A 365 28.42 3.72 -6.47
N ILE A 366 29.47 2.97 -6.76
CA ILE A 366 29.34 1.54 -6.84
C ILE A 366 28.89 0.96 -5.47
N ASN A 367 29.38 1.49 -4.36
CA ASN A 367 28.97 0.97 -3.07
C ASN A 367 27.55 1.37 -2.80
N GLU A 368 27.20 2.61 -3.15
CA GLU A 368 25.81 3.09 -2.97
C GLU A 368 24.88 2.16 -3.73
N LEU A 369 25.24 1.78 -4.96
CA LEU A 369 24.35 0.89 -5.72
C LEU A 369 24.23 -0.52 -5.10
N ALA A 370 25.32 -1.04 -4.57
CA ALA A 370 25.30 -2.36 -3.95
C ALA A 370 24.27 -2.39 -2.82
N GLY A 371 24.24 -1.29 -2.08
CA GLY A 371 23.31 -1.18 -0.97
C GLY A 371 21.86 -1.16 -1.44
N ALA A 372 21.62 -0.35 -2.46
CA ALA A 372 20.31 -0.25 -3.04
C ALA A 372 19.87 -1.68 -3.40
N TRP A 373 20.77 -2.43 -4.05
CA TRP A 373 20.43 -3.81 -4.47
C TRP A 373 20.19 -4.71 -3.26
N LYS A 374 21.06 -4.61 -2.26
CA LYS A 374 20.92 -5.44 -1.07
C LYS A 374 19.55 -5.30 -0.50
N HIS A 375 19.02 -4.09 -0.48
CA HIS A 375 17.71 -3.94 0.11
C HIS A 375 16.62 -3.92 -0.91
N SER A 376 16.92 -4.28 -2.15
CA SER A 376 15.80 -4.28 -3.09
C SER A 376 15.18 -5.66 -2.83
N ARG A 377 14.17 -6.03 -3.55
CA ARG A 377 13.63 -7.35 -3.32
C ARG A 377 13.93 -8.12 -4.59
N ALA A 378 15.09 -7.88 -5.17
CA ALA A 378 15.42 -8.61 -6.39
C ALA A 378 15.48 -10.09 -6.07
N ARG A 379 15.26 -10.90 -7.07
CA ARG A 379 15.35 -12.32 -6.89
C ARG A 379 16.89 -12.70 -6.87
N PRO A 380 17.22 -13.94 -6.42
CA PRO A 380 18.60 -14.45 -6.33
C PRO A 380 19.44 -14.31 -7.60
N PHE A 381 18.80 -14.58 -8.73
CA PHE A 381 19.48 -14.50 -10.00
C PHE A 381 18.93 -13.41 -10.90
N VAL A 382 19.80 -12.46 -11.24
CA VAL A 382 19.37 -11.37 -12.07
C VAL A 382 19.94 -11.37 -13.46
N HIS A 383 19.07 -11.45 -14.44
CA HIS A 383 19.52 -11.36 -15.80
C HIS A 383 19.65 -9.84 -16.17
N ILE A 384 20.81 -9.47 -16.69
CA ILE A 384 21.05 -8.10 -17.11
C ILE A 384 20.79 -7.99 -18.61
N MET A 385 19.86 -7.13 -18.97
CA MET A 385 19.53 -6.97 -20.35
C MET A 385 20.01 -5.67 -20.96
N GLN A 386 20.97 -5.82 -21.87
CA GLN A 386 21.48 -4.67 -22.63
C GLN A 386 21.26 -4.98 -24.13
N ASP A 387 21.46 -3.94 -24.93
CA ASP A 387 21.39 -3.97 -26.36
C ASP A 387 22.80 -4.30 -26.85
N LYS A 388 22.96 -4.59 -28.14
CA LYS A 388 24.29 -4.90 -28.68
C LYS A 388 24.94 -3.60 -29.16
N ASP A 389 25.51 -2.88 -28.22
CA ASP A 389 26.19 -1.61 -28.46
C ASP A 389 27.39 -1.73 -27.52
N ILE A 390 28.61 -1.58 -28.03
CA ILE A 390 29.74 -1.70 -27.13
C ILE A 390 29.68 -0.67 -26.00
N GLU A 391 28.92 0.41 -26.22
CA GLU A 391 28.81 1.49 -25.25
C GLU A 391 28.05 1.01 -24.06
N GLU A 392 27.14 0.07 -24.31
CA GLU A 392 26.37 -0.48 -23.21
C GLU A 392 27.10 -1.57 -22.48
N ASN A 393 28.14 -2.14 -23.09
CA ASN A 393 28.82 -3.22 -22.34
C ASN A 393 29.36 -2.82 -20.97
N TYR A 394 30.03 -1.67 -20.87
CA TYR A 394 30.60 -1.34 -19.57
C TYR A 394 29.54 -0.87 -18.56
N HIS A 395 28.43 -0.31 -19.04
CA HIS A 395 27.38 0.14 -18.12
C HIS A 395 26.77 -1.11 -17.49
N ALA A 396 26.42 -2.09 -18.34
CA ALA A 396 25.84 -3.32 -17.88
C ALA A 396 26.77 -3.96 -16.87
N GLN A 397 28.04 -4.04 -17.23
CA GLN A 397 29.07 -4.65 -16.39
C GLN A 397 29.35 -3.93 -15.08
N PHE A 398 29.25 -2.60 -15.12
CA PHE A 398 29.50 -1.78 -13.92
C PHE A 398 28.36 -2.12 -12.93
N MET A 399 27.13 -2.16 -13.46
CA MET A 399 25.93 -2.52 -12.65
C MET A 399 26.03 -4.00 -12.14
N GLU A 400 26.59 -4.89 -12.97
CA GLU A 400 26.75 -6.28 -12.61
C GLU A 400 27.67 -6.38 -11.41
N GLN A 401 28.66 -5.51 -11.39
CA GLN A 401 29.59 -5.52 -10.28
C GLN A 401 28.88 -5.12 -8.99
N ALA A 402 28.00 -4.13 -9.08
CA ALA A 402 27.31 -3.71 -7.89
C ALA A 402 26.38 -4.85 -7.44
N LEU A 403 25.73 -5.50 -8.40
CA LEU A 403 24.86 -6.63 -8.10
C LEU A 403 25.66 -7.76 -7.42
N HIS A 404 26.85 -8.05 -7.98
CA HIS A 404 27.74 -9.09 -7.45
C HIS A 404 28.14 -8.76 -6.05
N GLN A 405 28.50 -7.49 -5.83
CA GLN A 405 28.92 -7.04 -4.52
C GLN A 405 27.78 -7.19 -3.51
N ALA A 406 26.55 -7.03 -3.98
CA ALA A 406 25.42 -7.17 -3.07
C ALA A 406 24.95 -8.66 -3.01
N GLY A 407 25.78 -9.55 -3.52
CA GLY A 407 25.49 -10.98 -3.44
C GLY A 407 24.54 -11.59 -4.44
N PHE A 408 24.34 -10.96 -5.59
CA PHE A 408 23.40 -11.50 -6.60
C PHE A 408 24.14 -12.19 -7.72
N GLU A 409 23.53 -13.23 -8.27
CA GLU A 409 24.08 -13.97 -9.41
C GLU A 409 23.50 -13.32 -10.63
N THR A 410 24.26 -13.25 -11.71
CA THR A 410 23.83 -12.56 -12.89
C THR A 410 24.29 -13.21 -14.14
N ARG A 411 23.66 -12.81 -15.25
CA ARG A 411 24.08 -13.21 -16.57
C ARG A 411 23.68 -12.05 -17.47
N ILE A 412 24.58 -11.66 -18.32
CA ILE A 412 24.31 -10.59 -19.21
C ILE A 412 23.81 -11.07 -20.54
N LEU A 413 22.65 -10.56 -20.94
CA LEU A 413 22.05 -10.89 -22.19
C LEU A 413 22.24 -9.67 -23.08
N ARG A 414 22.82 -9.90 -24.27
CA ARG A 414 23.05 -8.82 -25.21
C ARG A 414 22.10 -9.03 -26.38
N GLY A 415 21.15 -8.11 -26.53
CA GLY A 415 20.20 -8.26 -27.60
C GLY A 415 19.21 -9.29 -27.10
N LEU A 416 18.29 -9.71 -27.98
CA LEU A 416 17.30 -10.71 -27.59
C LEU A 416 17.54 -12.14 -28.13
N ASP A 417 18.51 -12.29 -29.03
CA ASP A 417 18.72 -13.59 -29.67
C ASP A 417 18.76 -14.80 -28.77
N GLU A 418 19.47 -14.70 -27.64
CA GLU A 418 19.59 -15.85 -26.75
C GLU A 418 18.34 -16.33 -25.97
N LEU A 419 17.31 -15.51 -25.88
CA LEU A 419 16.09 -15.85 -25.13
C LEU A 419 15.18 -16.81 -25.89
N GLY A 420 14.45 -17.63 -25.15
CA GLY A 420 13.52 -18.51 -25.80
C GLY A 420 12.37 -18.88 -24.88
N TRP A 421 11.51 -19.78 -25.34
CA TRP A 421 10.38 -20.27 -24.57
C TRP A 421 10.33 -21.80 -24.59
N ASP A 422 9.98 -22.42 -23.46
CA ASP A 422 9.83 -23.86 -23.47
C ASP A 422 8.47 -24.12 -24.13
N ALA A 423 8.06 -25.38 -24.08
CA ALA A 423 6.79 -25.81 -24.70
C ALA A 423 5.55 -25.16 -24.12
N ALA A 424 5.52 -24.95 -22.80
CA ALA A 424 4.38 -24.33 -22.08
C ALA A 424 4.33 -22.80 -22.25
N GLY A 425 5.47 -22.22 -22.65
CA GLY A 425 5.58 -20.78 -22.84
C GLY A 425 6.36 -20.08 -21.72
N GLN A 426 7.20 -20.80 -20.99
CA GLN A 426 7.98 -20.14 -19.98
C GLN A 426 9.21 -19.49 -20.64
N LEU A 427 9.58 -18.31 -20.15
CA LEU A 427 10.70 -17.57 -20.70
C LEU A 427 12.01 -18.12 -20.14
N ILE A 428 12.96 -18.47 -21.02
CA ILE A 428 14.26 -19.03 -20.63
C ILE A 428 15.40 -18.33 -21.37
N ASP A 429 16.60 -18.40 -20.79
CA ASP A 429 17.76 -17.79 -21.40
C ASP A 429 18.56 -18.84 -22.21
N GLY A 430 19.73 -18.40 -22.69
CA GLY A 430 20.57 -19.26 -23.50
C GLY A 430 20.93 -20.62 -22.92
N GLU A 431 20.91 -20.79 -21.60
CA GLU A 431 21.24 -22.09 -21.02
C GLU A 431 20.01 -22.77 -20.40
N GLY A 432 18.83 -22.47 -20.96
CA GLY A 432 17.61 -23.03 -20.44
C GLY A 432 17.19 -22.47 -19.09
N ARG A 433 17.99 -21.60 -18.49
CA ARG A 433 17.58 -21.05 -17.20
C ARG A 433 16.33 -20.11 -17.30
N LEU A 434 15.42 -20.22 -16.31
CA LEU A 434 14.20 -19.41 -16.27
C LEU A 434 14.60 -17.95 -16.00
N VAL A 435 13.97 -17.03 -16.74
CA VAL A 435 14.26 -15.60 -16.56
C VAL A 435 13.08 -15.05 -15.78
N ASN A 436 13.32 -14.54 -14.58
CA ASN A 436 12.21 -13.99 -13.81
C ASN A 436 12.57 -12.67 -13.06
N CYS A 437 13.81 -12.21 -13.23
CA CYS A 437 14.25 -10.98 -12.62
C CYS A 437 15.24 -10.37 -13.56
N VAL A 438 14.93 -9.16 -13.99
CA VAL A 438 15.75 -8.47 -14.98
C VAL A 438 16.17 -7.04 -14.63
N TRP A 439 17.42 -6.68 -14.90
CA TRP A 439 17.85 -5.29 -14.77
C TRP A 439 18.14 -4.92 -16.21
N LYS A 440 17.43 -3.94 -16.71
CA LYS A 440 17.57 -3.52 -18.09
C LYS A 440 18.26 -2.14 -18.33
N THR A 441 18.90 -2.00 -19.50
CA THR A 441 19.50 -0.79 -19.95
C THR A 441 18.45 -0.24 -20.94
N TRP A 442 17.57 -1.10 -21.42
CA TRP A 442 16.52 -0.66 -22.33
C TRP A 442 15.57 0.36 -21.65
N ALA A 443 15.02 1.28 -22.46
CA ALA A 443 14.03 2.25 -21.93
C ALA A 443 12.70 1.53 -22.07
N TRP A 444 11.78 1.71 -21.12
CA TRP A 444 10.48 1.08 -21.22
C TRP A 444 9.79 1.53 -22.49
N GLU A 445 10.08 2.73 -22.92
CA GLU A 445 9.43 3.25 -24.11
C GLU A 445 9.62 2.38 -25.38
N THR A 446 10.79 1.70 -25.46
CA THR A 446 11.12 0.87 -26.61
C THR A 446 10.08 -0.23 -26.60
N ALA A 447 9.83 -0.80 -25.44
CA ALA A 447 8.82 -1.83 -25.35
C ALA A 447 7.47 -1.24 -25.65
N PHE A 448 7.18 -0.05 -25.13
CA PHE A 448 5.84 0.51 -25.36
C PHE A 448 5.64 0.66 -26.88
N ASP A 449 6.71 0.91 -27.61
CA ASP A 449 6.60 1.01 -29.06
C ASP A 449 6.10 -0.29 -29.69
N GLN A 450 6.52 -1.43 -29.15
CA GLN A 450 6.07 -2.71 -29.69
C GLN A 450 4.56 -2.81 -29.46
N ILE A 451 4.03 -2.22 -28.40
CA ILE A 451 2.58 -2.28 -28.23
C ILE A 451 1.95 -1.34 -29.25
N ARG A 452 2.49 -0.13 -29.37
CA ARG A 452 1.97 0.87 -30.30
C ARG A 452 1.90 0.36 -31.77
N GLU A 453 2.91 -0.43 -32.16
CA GLU A 453 3.05 -1.03 -33.53
C GLU A 453 1.85 -1.81 -33.99
N VAL A 454 1.37 -2.69 -33.10
CA VAL A 454 0.18 -3.50 -33.32
C VAL A 454 -1.01 -2.48 -33.42
N SER A 455 -1.37 -1.90 -32.27
CA SER A 455 -2.41 -0.87 -32.10
C SER A 455 -3.74 -1.03 -32.85
N ASP A 456 -3.76 -1.81 -33.93
CA ASP A 456 -4.98 -2.04 -34.69
C ASP A 456 -5.95 -2.90 -33.91
N ARG A 457 -5.56 -4.14 -33.65
CA ARG A 457 -6.43 -5.05 -32.93
C ARG A 457 -6.90 -4.54 -31.56
N GLU A 458 -7.98 -5.13 -31.07
CA GLU A 458 -8.54 -4.76 -29.76
C GLU A 458 -8.11 -5.78 -28.69
N PHE A 459 -6.81 -5.95 -28.50
CA PHE A 459 -6.27 -6.89 -27.51
C PHE A 459 -6.86 -6.62 -26.11
N ALA A 460 -7.04 -7.69 -25.34
CA ALA A 460 -7.61 -7.57 -24.01
C ALA A 460 -6.54 -7.42 -22.97
N ALA A 461 -5.30 -7.53 -23.40
CA ALA A 461 -4.20 -7.46 -22.48
C ALA A 461 -3.00 -7.00 -23.26
N VAL A 462 -1.91 -6.72 -22.54
CA VAL A 462 -0.69 -6.33 -23.26
C VAL A 462 -0.48 -7.52 -24.17
N PRO A 463 -0.29 -7.24 -25.48
CA PRO A 463 -0.09 -8.26 -26.51
C PRO A 463 1.26 -8.97 -26.57
N ILE A 464 1.66 -9.63 -25.48
CA ILE A 464 2.93 -10.34 -25.43
C ILE A 464 2.77 -11.77 -25.99
N ARG A 465 3.89 -12.32 -26.43
CA ARG A 465 3.92 -13.64 -26.98
C ARG A 465 4.33 -14.52 -25.86
N THR A 466 3.82 -15.74 -25.86
CA THR A 466 4.18 -16.75 -24.88
C THR A 466 4.60 -17.99 -25.64
N GLY A 467 5.05 -17.77 -26.87
CA GLY A 467 5.48 -18.83 -27.75
C GLY A 467 5.50 -18.25 -29.15
N HIS A 468 6.35 -18.82 -30.00
CA HIS A 468 6.53 -18.42 -31.40
C HIS A 468 7.20 -19.59 -32.16
N PRO A 469 6.75 -19.84 -33.38
CA PRO A 469 7.32 -20.94 -34.17
C PRO A 469 8.85 -21.01 -34.19
N GLN A 470 9.47 -19.88 -34.56
CA GLN A 470 10.92 -19.75 -34.63
C GLN A 470 11.52 -19.27 -33.29
N ASN A 471 10.68 -19.27 -32.25
CA ASN A 471 11.18 -18.91 -30.92
C ASN A 471 11.69 -17.45 -30.84
N GLU A 472 11.05 -16.55 -31.53
CA GLU A 472 11.50 -15.19 -31.53
C GLU A 472 10.90 -14.33 -30.37
N VAL A 473 11.68 -14.07 -29.34
CA VAL A 473 11.30 -13.25 -28.17
C VAL A 473 11.60 -11.74 -28.36
N ARG A 474 10.59 -10.90 -28.23
CA ARG A 474 10.78 -9.43 -28.36
C ARG A 474 11.05 -8.79 -27.00
N LEU A 475 11.54 -7.54 -26.97
CA LEU A 475 11.75 -6.88 -25.67
C LEU A 475 10.48 -6.95 -24.76
N ILE A 476 9.31 -6.62 -25.28
CA ILE A 476 8.10 -6.66 -24.49
C ILE A 476 7.69 -8.03 -24.00
N ASP A 477 8.03 -9.08 -24.76
CA ASP A 477 7.75 -10.45 -24.40
C ASP A 477 8.51 -10.80 -23.13
N VAL A 478 9.49 -9.99 -22.75
CA VAL A 478 10.18 -10.25 -21.49
C VAL A 478 9.71 -9.26 -20.42
N LEU A 479 9.82 -7.97 -20.72
CA LEU A 479 9.54 -6.98 -19.68
C LEU A 479 8.11 -6.91 -19.18
N LEU A 480 7.17 -7.24 -20.02
CA LEU A 480 5.81 -7.16 -19.59
C LEU A 480 5.20 -8.51 -19.26
N ARG A 481 6.07 -9.50 -19.04
CA ARG A 481 5.64 -10.84 -18.59
C ARG A 481 5.38 -10.60 -17.10
N PRO A 482 4.15 -10.83 -16.64
CA PRO A 482 3.73 -10.62 -15.24
C PRO A 482 4.66 -11.13 -14.17
N GLU A 483 5.27 -12.27 -14.38
CA GLU A 483 6.15 -12.84 -13.36
C GLU A 483 7.64 -12.49 -13.44
N VAL A 484 8.01 -11.61 -14.38
CA VAL A 484 9.39 -11.17 -14.48
C VAL A 484 9.48 -9.92 -13.63
N LEU A 485 10.34 -9.94 -12.61
CA LEU A 485 10.51 -8.77 -11.76
C LEU A 485 11.58 -7.85 -12.41
N VAL A 486 11.11 -6.75 -13.00
CA VAL A 486 11.95 -5.81 -13.74
C VAL A 486 12.44 -4.57 -12.96
N PHE A 487 13.72 -4.22 -13.10
CA PHE A 487 14.26 -2.98 -12.55
C PHE A 487 14.76 -2.24 -13.82
N GLU A 488 14.48 -0.93 -13.99
CA GLU A 488 13.66 -0.17 -13.03
C GLU A 488 12.21 -0.54 -13.28
N PRO A 489 11.40 -0.41 -12.23
CA PRO A 489 9.96 -0.70 -12.22
C PRO A 489 9.23 0.08 -13.29
N LEU A 490 8.13 -0.47 -13.76
CA LEU A 490 7.36 0.17 -14.78
C LEU A 490 6.96 1.62 -14.43
N TRP A 491 6.60 1.91 -13.18
CA TRP A 491 6.15 3.23 -12.79
C TRP A 491 7.14 4.39 -13.11
N THR A 492 8.43 4.06 -13.12
CA THR A 492 9.41 5.09 -13.38
C THR A 492 9.24 5.75 -14.72
N VAL A 493 8.41 5.18 -15.60
CA VAL A 493 8.30 5.85 -16.90
C VAL A 493 7.57 7.18 -16.73
N ILE A 494 6.92 7.33 -15.58
CA ILE A 494 6.15 8.51 -15.35
C ILE A 494 7.11 9.65 -14.94
N PRO A 495 7.96 9.47 -13.90
CA PRO A 495 8.84 10.63 -13.62
C PRO A 495 9.83 10.87 -14.76
N GLY A 496 10.07 9.82 -15.57
CA GLY A 496 11.02 9.95 -16.65
C GLY A 496 10.40 10.51 -17.91
N ASN A 497 9.09 10.73 -17.95
CA ASN A 497 8.45 11.27 -19.12
C ASN A 497 8.24 12.79 -18.87
N LYS A 498 8.69 13.62 -19.83
CA LYS A 498 8.62 15.07 -19.67
C LYS A 498 7.23 15.68 -19.54
N ALA A 499 6.18 14.89 -19.75
CA ALA A 499 4.83 15.37 -19.54
C ALA A 499 4.63 15.62 -18.05
N ILE A 500 5.54 15.11 -17.23
CA ILE A 500 5.40 15.35 -15.80
C ILE A 500 5.91 16.77 -15.43
N LEU A 501 6.65 17.45 -16.32
CA LEU A 501 7.23 18.76 -15.98
C LEU A 501 6.14 19.82 -15.76
N PRO A 502 5.12 19.93 -16.65
CA PRO A 502 4.07 20.90 -16.44
C PRO A 502 3.30 20.51 -15.13
N ILE A 503 3.21 19.20 -14.84
CA ILE A 503 2.50 18.78 -13.64
C ILE A 503 3.35 19.16 -12.42
N LEU A 504 4.65 19.00 -12.53
CA LEU A 504 5.49 19.38 -11.44
C LEU A 504 5.31 20.90 -11.17
N TRP A 505 5.31 21.69 -12.24
CA TRP A 505 5.18 23.16 -12.16
C TRP A 505 3.83 23.57 -11.57
N SER A 506 2.81 22.82 -11.95
CA SER A 506 1.44 22.99 -11.45
C SER A 506 1.35 22.71 -9.96
N LEU A 507 2.04 21.68 -9.50
CA LEU A 507 2.02 21.28 -8.10
C LEU A 507 2.88 22.12 -7.19
N PHE A 508 4.00 22.60 -7.69
CA PHE A 508 4.95 23.39 -6.90
C PHE A 508 5.32 24.65 -7.70
N PRO A 509 4.32 25.48 -8.04
CA PRO A 509 4.42 26.73 -8.80
C PRO A 509 5.61 27.57 -8.37
N HIS A 510 6.54 27.97 -9.26
CA HIS A 510 7.65 28.84 -8.83
C HIS A 510 8.65 28.31 -7.81
N HIS A 511 8.67 26.99 -7.65
CA HIS A 511 9.58 26.33 -6.76
C HIS A 511 10.91 26.77 -7.26
N ARG A 512 11.85 26.95 -6.35
CA ARG A 512 13.14 27.45 -6.72
C ARG A 512 13.96 26.65 -7.73
N TYR A 513 13.69 25.34 -7.81
CA TYR A 513 14.43 24.48 -8.74
C TYR A 513 13.72 24.09 -10.05
N LEU A 514 12.45 24.49 -10.16
CA LEU A 514 11.64 24.16 -11.29
C LEU A 514 11.62 25.24 -12.28
N LEU A 515 11.47 24.83 -13.54
CA LEU A 515 11.37 25.78 -14.64
C LEU A 515 9.92 25.74 -15.08
N ASP A 516 9.33 26.87 -15.44
CA ASP A 516 7.94 26.92 -15.91
C ASP A 516 7.87 25.99 -17.14
N THR A 517 7.06 24.95 -17.09
CA THR A 517 6.95 24.04 -18.24
C THR A 517 5.48 23.87 -18.50
N ASP A 518 5.15 23.88 -19.80
CA ASP A 518 3.76 23.82 -20.25
C ASP A 518 3.67 22.94 -21.49
N PHE A 519 2.44 22.64 -21.92
CA PHE A 519 2.25 21.85 -23.14
C PHE A 519 2.06 22.72 -24.43
N THR A 520 2.01 24.04 -24.28
CA THR A 520 1.91 24.97 -25.41
C THR A 520 2.84 26.13 -25.02
N VAL A 521 3.18 26.96 -25.99
CA VAL A 521 4.03 28.11 -25.65
C VAL A 521 3.11 29.17 -25.04
N ASN A 522 3.01 29.24 -23.73
CA ASN A 522 2.13 30.23 -23.15
C ASN A 522 2.87 31.56 -23.15
N ASP A 523 2.13 32.60 -22.75
CA ASP A 523 2.61 33.97 -22.69
C ASP A 523 3.88 34.22 -21.93
N GLU A 524 4.02 33.58 -20.78
CA GLU A 524 5.23 33.80 -20.02
C GLU A 524 6.43 33.17 -20.76
N LEU A 525 6.19 32.03 -21.41
CA LEU A 525 7.26 31.38 -22.16
C LEU A 525 7.65 32.17 -23.40
N VAL A 526 6.68 32.84 -24.01
CA VAL A 526 7.01 33.66 -25.18
C VAL A 526 8.05 34.70 -24.74
N LYS A 527 7.78 35.33 -23.58
CA LYS A 527 8.68 36.36 -23.06
C LYS A 527 10.02 35.81 -22.65
N THR A 528 10.08 34.58 -22.12
CA THR A 528 11.39 34.05 -21.67
C THR A 528 12.21 33.27 -22.71
N GLY A 529 11.57 32.80 -23.74
CA GLY A 529 12.29 31.91 -24.62
C GLY A 529 12.04 30.52 -23.97
N TYR A 530 12.29 29.44 -24.70
CA TYR A 530 12.07 28.08 -24.17
C TYR A 530 12.73 27.02 -25.02
N ALA A 531 12.71 25.84 -24.43
CA ALA A 531 13.23 24.62 -25.04
C ALA A 531 12.01 23.76 -25.39
N VAL A 532 12.02 23.25 -26.62
CA VAL A 532 10.98 22.35 -27.09
C VAL A 532 11.62 20.97 -26.87
N LYS A 533 10.92 20.09 -26.18
CA LYS A 533 11.49 18.78 -25.87
C LYS A 533 10.45 17.67 -25.98
N PRO A 534 10.76 16.63 -26.76
CA PRO A 534 9.79 15.52 -26.89
C PRO A 534 9.65 14.88 -25.51
N ILE A 535 8.43 14.56 -25.10
CA ILE A 535 8.15 13.97 -23.76
C ILE A 535 8.79 12.63 -23.45
N ALA A 536 9.08 11.85 -24.46
CA ALA A 536 9.73 10.56 -24.23
C ALA A 536 11.09 10.51 -24.98
N GLY A 537 11.71 11.66 -25.22
CA GLY A 537 13.03 11.66 -25.86
C GLY A 537 14.12 11.47 -24.82
N ARG A 538 15.38 11.45 -25.26
CA ARG A 538 16.53 11.32 -24.39
C ARG A 538 17.76 11.70 -25.19
N CYS A 539 18.90 11.77 -24.51
CA CYS A 539 20.15 12.04 -25.20
C CYS A 539 20.27 13.36 -25.93
N GLY A 540 19.34 14.27 -25.74
CA GLY A 540 19.45 15.55 -26.39
C GLY A 540 18.88 15.60 -27.80
N SER A 541 18.07 14.62 -28.14
CA SER A 541 17.49 14.56 -29.48
C SER A 541 16.26 15.38 -29.62
N ASN A 542 16.09 15.93 -30.82
CA ASN A 542 14.94 16.72 -31.20
C ASN A 542 14.65 17.84 -30.25
N ILE A 543 15.71 18.47 -29.78
CA ILE A 543 15.54 19.62 -28.86
C ILE A 543 15.57 20.95 -29.66
N ASP A 544 14.65 21.87 -29.39
CA ASP A 544 14.75 23.18 -30.03
C ASP A 544 14.87 24.26 -28.94
N LEU A 545 15.89 25.12 -29.01
CA LEU A 545 16.08 26.21 -28.05
C LEU A 545 15.70 27.52 -28.77
N VAL A 546 14.70 28.21 -28.24
CA VAL A 546 14.23 29.47 -28.82
C VAL A 546 14.34 30.62 -27.81
N SER A 547 14.95 31.72 -28.24
CA SER A 547 15.15 32.88 -27.37
C SER A 547 13.95 33.79 -27.18
N HIS A 548 14.04 34.71 -26.22
CA HIS A 548 12.92 35.64 -26.01
C HIS A 548 12.77 36.52 -27.25
N HIS A 549 13.83 36.63 -28.03
CA HIS A 549 13.82 37.40 -29.29
C HIS A 549 13.11 36.58 -30.36
N GLU A 550 12.69 35.39 -29.98
CA GLU A 550 12.00 34.47 -30.87
C GLU A 550 12.91 33.87 -31.91
N GLU A 551 14.21 33.83 -31.64
CA GLU A 551 15.15 33.21 -32.57
C GLU A 551 15.61 31.81 -32.10
N VAL A 552 15.82 30.91 -33.07
CA VAL A 552 16.23 29.55 -32.75
C VAL A 552 17.69 29.58 -32.35
N LEU A 553 18.01 29.28 -31.09
CA LEU A 553 19.40 29.32 -30.69
C LEU A 553 20.06 28.03 -31.02
N ASP A 554 19.28 27.00 -31.30
CA ASP A 554 19.84 25.70 -31.64
C ASP A 554 18.75 24.65 -31.81
N LYS A 555 19.04 23.63 -32.61
CA LYS A 555 18.06 22.55 -32.86
C LYS A 555 18.86 21.28 -33.01
N THR A 556 18.36 20.18 -32.50
CA THR A 556 19.07 18.93 -32.66
C THR A 556 18.11 18.06 -33.40
N SER A 557 18.65 17.04 -34.07
CA SER A 557 17.85 16.07 -34.79
C SER A 557 17.69 14.86 -33.85
N GLY A 558 17.09 13.77 -34.36
CA GLY A 558 16.91 12.58 -33.54
C GLY A 558 15.70 11.78 -33.95
N LYS A 559 15.52 10.66 -33.30
CA LYS A 559 14.43 9.74 -33.65
C LYS A 559 13.08 10.06 -33.06
N PHE A 560 12.95 11.19 -32.37
CA PHE A 560 11.68 11.49 -31.71
C PHE A 560 10.86 12.64 -32.22
N ALA A 561 11.13 13.13 -33.42
CA ALA A 561 10.43 14.31 -33.94
C ALA A 561 8.91 14.30 -33.94
N GLU A 562 8.32 13.12 -34.01
CA GLU A 562 6.85 13.01 -34.07
C GLU A 562 6.10 12.93 -32.76
N GLN A 563 6.80 12.92 -31.63
CA GLN A 563 6.13 12.82 -30.32
C GLN A 563 5.50 14.15 -29.82
N LYS A 564 4.66 14.05 -28.80
CA LYS A 564 4.17 15.27 -28.17
C LYS A 564 5.44 15.99 -27.59
N ASN A 565 5.42 17.32 -27.55
CA ASN A 565 6.51 18.09 -26.95
C ASN A 565 6.01 18.80 -25.68
N ILE A 566 6.97 19.21 -24.84
CA ILE A 566 6.61 20.11 -23.74
C ILE A 566 7.47 21.34 -24.04
N TYR A 567 7.10 22.47 -23.46
CA TYR A 567 7.85 23.72 -23.71
C TYR A 567 8.29 24.19 -22.36
N GLN A 568 9.60 24.25 -22.19
CA GLN A 568 10.17 24.64 -20.92
C GLN A 568 10.94 25.95 -20.96
N GLN A 569 10.71 26.80 -19.96
CA GLN A 569 11.38 28.08 -19.85
C GLN A 569 12.89 27.99 -20.16
N LEU A 570 13.38 28.82 -21.11
CA LEU A 570 14.80 28.77 -21.47
C LEU A 570 15.68 29.08 -20.27
N TRP A 571 16.73 28.30 -20.03
CA TRP A 571 17.65 28.58 -18.91
C TRP A 571 18.93 27.89 -19.36
N CYS A 572 19.76 28.61 -20.12
CA CYS A 572 20.97 28.04 -20.73
C CYS A 572 22.13 27.72 -19.84
N LEU A 573 22.74 26.57 -20.11
CA LEU A 573 23.89 26.12 -19.33
C LEU A 573 24.92 27.21 -19.35
N PRO A 574 25.75 27.28 -18.30
CA PRO A 574 26.79 28.32 -18.29
C PRO A 574 27.95 27.76 -19.11
N LYS A 575 28.76 28.65 -19.65
CA LYS A 575 29.94 28.31 -20.43
C LYS A 575 31.16 28.66 -19.55
N VAL A 576 31.99 27.67 -19.31
CA VAL A 576 33.15 27.84 -18.45
C VAL A 576 34.33 27.17 -19.16
N ASP A 577 35.39 27.95 -19.36
CA ASP A 577 36.55 27.44 -20.06
C ASP A 577 36.23 26.86 -21.44
N GLY A 578 35.42 27.56 -22.25
CA GLY A 578 35.15 27.05 -23.59
C GLY A 578 34.04 26.00 -23.80
N LYS A 579 33.33 25.62 -22.73
CA LYS A 579 32.28 24.63 -22.89
C LYS A 579 31.10 24.84 -21.95
N TYR A 580 29.92 24.54 -22.45
CA TYR A 580 28.69 24.57 -21.66
C TYR A 580 28.80 23.37 -20.68
N ILE A 581 28.60 23.66 -19.39
CA ILE A 581 28.74 22.62 -18.39
C ILE A 581 27.41 22.40 -17.73
N GLN A 582 27.01 21.14 -17.72
CA GLN A 582 25.75 20.75 -17.13
C GLN A 582 26.14 19.93 -15.94
N VAL A 583 25.39 20.10 -14.85
CA VAL A 583 25.66 19.32 -13.62
C VAL A 583 24.60 18.18 -13.55
N CYS A 584 25.03 16.96 -13.25
CA CYS A 584 24.06 15.88 -13.11
C CYS A 584 24.26 15.30 -11.72
N THR A 585 23.21 14.73 -11.17
CA THR A 585 23.38 14.07 -9.91
C THR A 585 22.69 12.74 -10.12
N PHE A 586 23.10 11.76 -9.35
CA PHE A 586 22.52 10.43 -9.41
C PHE A 586 21.59 10.22 -8.22
N THR A 587 20.52 9.46 -8.38
CA THR A 587 19.79 9.10 -7.19
C THR A 587 20.06 7.60 -7.14
N VAL A 588 20.24 7.09 -5.94
CA VAL A 588 20.42 5.68 -5.71
C VAL A 588 19.48 5.38 -4.57
N GLY A 589 18.50 4.54 -4.86
CA GLY A 589 17.53 4.23 -3.84
C GLY A 589 16.73 5.46 -3.38
N GLY A 590 16.59 6.48 -4.23
CA GLY A 590 15.83 7.66 -3.86
C GLY A 590 16.65 8.79 -3.22
N ASN A 591 17.91 8.53 -2.94
CA ASN A 591 18.75 9.54 -2.33
C ASN A 591 19.96 9.82 -3.17
N TYR A 592 20.52 11.00 -2.87
CA TYR A 592 21.68 11.48 -3.57
C TYR A 592 22.75 10.44 -3.63
N GLY A 593 23.35 10.23 -4.78
CA GLY A 593 24.41 9.25 -4.82
C GLY A 593 25.68 9.68 -5.56
N GLY A 594 25.76 10.99 -5.80
CA GLY A 594 26.88 11.59 -6.47
C GLY A 594 26.51 12.63 -7.49
N THR A 595 27.57 13.29 -7.97
CA THR A 595 27.53 14.33 -8.99
C THR A 595 28.60 14.10 -10.09
N CYS A 596 28.31 14.54 -11.31
CA CYS A 596 29.28 14.51 -12.37
C CYS A 596 28.99 15.70 -13.28
N LEU A 597 29.89 15.95 -14.22
CA LEU A 597 29.66 17.06 -15.17
C LEU A 597 29.56 16.54 -16.58
N ARG A 598 28.85 17.27 -17.42
CA ARG A 598 28.78 16.96 -18.85
C ARG A 598 29.14 18.32 -19.50
N GLY A 599 29.98 18.25 -20.52
CA GLY A 599 30.40 19.44 -21.23
C GLY A 599 30.23 19.27 -22.72
N ASP A 600 29.81 20.35 -23.38
CA ASP A 600 29.60 20.42 -24.82
C ASP A 600 29.94 21.81 -25.46
N GLU A 601 30.34 21.81 -26.74
CA GLU A 601 30.64 23.03 -27.46
C GLU A 601 29.29 23.69 -27.66
N SER A 602 28.21 22.91 -27.54
CA SER A 602 26.88 23.47 -27.76
C SER A 602 25.99 23.59 -26.50
N LEU A 603 24.85 24.26 -26.65
CA LEU A 603 23.92 24.50 -25.53
C LEU A 603 23.17 23.23 -25.15
N VAL A 604 23.13 22.27 -26.08
CA VAL A 604 22.45 21.00 -25.85
C VAL A 604 23.39 19.83 -25.54
N ILE A 605 23.31 19.31 -24.31
CA ILE A 605 24.09 18.13 -23.99
C ILE A 605 23.47 16.92 -24.74
N LYS A 606 24.36 16.05 -25.23
CA LYS A 606 24.04 14.84 -25.98
C LYS A 606 24.75 13.57 -25.45
N LYS A 607 24.36 12.45 -26.02
CA LYS A 607 24.95 11.19 -25.62
C LYS A 607 26.45 11.30 -25.70
N GLU A 608 26.96 11.91 -26.76
CA GLU A 608 28.40 12.02 -26.94
C GLU A 608 29.06 13.19 -26.23
N SER A 609 28.29 14.08 -25.64
CA SER A 609 28.93 15.14 -24.92
C SER A 609 29.95 14.47 -23.97
N ASP A 610 31.09 15.11 -23.73
CA ASP A 610 32.06 14.55 -22.79
C ASP A 610 31.61 14.55 -21.32
N ILE A 611 32.28 13.72 -20.55
CA ILE A 611 32.10 13.70 -19.12
C ILE A 611 33.40 14.51 -18.73
N GLU A 612 33.26 15.54 -17.90
CA GLU A 612 34.35 16.40 -17.44
C GLU A 612 34.72 16.06 -16.00
N PRO A 613 36.01 15.82 -15.71
CA PRO A 613 36.48 15.51 -14.36
C PRO A 613 35.98 16.64 -13.43
N LEU A 614 35.47 16.23 -12.27
CA LEU A 614 35.00 17.18 -11.29
C LEU A 614 35.58 16.95 -9.90
N ILE A 615 36.06 18.03 -9.30
CA ILE A 615 36.58 17.95 -7.94
C ILE A 615 35.84 18.96 -7.08
N VAL A 616 35.31 18.46 -5.97
CA VAL A 616 34.60 19.24 -4.94
C VAL A 616 35.71 19.65 -3.93
N VAL A 617 35.72 20.93 -3.61
CA VAL A 617 36.72 21.51 -2.70
C VAL A 617 36.08 22.29 -1.54
N LYS A 618 36.57 22.09 -0.31
CA LYS A 618 36.05 22.85 0.81
C LYS A 618 36.94 24.07 0.95
N ALA B 10 -2.79 -33.18 -17.88
CA ALA B 10 -1.58 -33.17 -17.01
C ALA B 10 -1.98 -33.23 -15.53
N PRO B 11 -1.03 -33.59 -14.67
CA PRO B 11 -1.32 -33.66 -13.24
C PRO B 11 -1.74 -32.27 -12.72
N PHE B 12 -2.31 -32.26 -11.53
CA PHE B 12 -2.76 -31.04 -10.91
C PHE B 12 -1.67 -29.97 -10.95
N GLY B 13 -2.10 -28.74 -11.23
CA GLY B 13 -1.19 -27.61 -11.28
C GLY B 13 -0.10 -27.58 -12.34
N THR B 14 -0.23 -28.39 -13.39
CA THR B 14 0.75 -28.37 -14.45
C THR B 14 0.42 -27.13 -15.22
N LEU B 15 1.46 -26.43 -15.69
CA LEU B 15 1.30 -25.21 -16.49
C LEU B 15 0.90 -25.66 -17.90
N LEU B 16 -0.26 -25.22 -18.35
CA LEU B 16 -0.76 -25.62 -19.65
C LEU B 16 -0.55 -24.62 -20.78
N GLY B 17 -0.26 -23.35 -20.42
CA GLY B 17 -0.10 -22.29 -21.41
C GLY B 17 -0.56 -20.97 -20.77
N TYR B 18 -0.91 -19.98 -21.58
CA TYR B 18 -1.29 -18.69 -21.03
C TYR B 18 -2.35 -18.01 -21.81
N ALA B 19 -3.14 -17.21 -21.09
CA ALA B 19 -4.17 -16.39 -21.73
C ALA B 19 -3.49 -15.03 -22.00
N PRO B 20 -4.11 -14.20 -22.85
CA PRO B 20 -3.55 -12.89 -23.20
C PRO B 20 -2.93 -12.16 -21.99
N GLY B 21 -1.74 -11.59 -22.24
CA GLY B 21 -1.05 -10.87 -21.18
C GLY B 21 -0.13 -11.75 -20.36
N GLY B 22 -0.10 -13.05 -20.62
CA GLY B 22 0.79 -13.90 -19.85
C GLY B 22 0.20 -14.38 -18.52
N VAL B 23 -1.08 -14.65 -18.50
CA VAL B 23 -1.77 -15.14 -17.31
C VAL B 23 -1.83 -16.67 -17.39
N ALA B 24 -1.14 -17.34 -16.49
CA ALA B 24 -1.08 -18.81 -16.56
C ALA B 24 -2.41 -19.54 -16.50
N ILE B 25 -2.42 -20.73 -17.10
CA ILE B 25 -3.57 -21.61 -17.11
C ILE B 25 -2.99 -22.95 -16.69
N TYR B 26 -3.51 -23.42 -15.54
CA TYR B 26 -3.11 -24.64 -14.88
C TYR B 26 -4.18 -25.70 -14.89
N SER B 27 -3.72 -26.93 -14.90
CA SER B 27 -4.62 -28.09 -14.84
C SER B 27 -5.24 -28.16 -13.42
N SER B 28 -6.54 -28.37 -13.31
CA SER B 28 -7.12 -28.50 -11.94
C SER B 28 -7.68 -29.91 -11.79
N ASP B 29 -6.97 -30.88 -12.31
CA ASP B 29 -7.43 -32.24 -12.21
C ASP B 29 -6.83 -32.86 -10.97
N TYR B 30 -7.67 -33.09 -9.96
CA TYR B 30 -7.26 -33.76 -8.72
C TYR B 30 -7.70 -35.21 -8.97
N SER B 31 -7.08 -36.15 -8.30
CA SER B 31 -7.53 -37.52 -8.47
C SER B 31 -7.48 -38.14 -7.07
N SER B 32 -8.38 -39.08 -6.77
CA SER B 32 -8.36 -39.74 -5.46
C SER B 32 -6.99 -40.37 -5.17
N LEU B 33 -6.27 -40.75 -6.25
CA LEU B 33 -4.94 -41.38 -6.22
C LEU B 33 -3.73 -40.42 -6.11
N ASP B 34 -3.98 -39.12 -6.02
CA ASP B 34 -2.85 -38.20 -5.89
C ASP B 34 -3.17 -37.09 -4.89
N ASP B 41 -4.46 -27.90 2.82
CA ASP B 41 -5.81 -27.29 2.56
C ASP B 41 -5.65 -25.76 2.36
N ALA B 42 -4.60 -25.24 2.99
CA ALA B 42 -4.28 -23.84 2.90
C ALA B 42 -3.42 -23.70 1.65
N VAL B 43 -2.77 -24.80 1.28
CA VAL B 43 -1.90 -24.79 0.12
C VAL B 43 -2.68 -24.53 -1.17
N PHE B 44 -4.02 -24.69 -1.10
CA PHE B 44 -4.88 -24.48 -2.25
C PHE B 44 -5.25 -23.04 -2.52
N ARG B 45 -5.03 -22.18 -1.52
CA ARG B 45 -5.34 -20.77 -1.69
C ARG B 45 -4.28 -20.18 -2.65
N SER B 46 -4.78 -19.56 -3.71
CA SER B 46 -3.95 -18.92 -4.67
C SER B 46 -4.02 -17.43 -4.34
N TYR B 47 -2.86 -16.79 -4.24
CA TYR B 47 -2.75 -15.35 -3.93
C TYR B 47 -1.79 -14.69 -4.88
N ILE B 48 -1.96 -13.39 -5.10
CA ILE B 48 -0.98 -12.62 -5.86
C ILE B 48 -0.80 -11.56 -4.77
N ASP B 49 0.38 -11.57 -4.14
CA ASP B 49 0.65 -10.65 -3.06
C ASP B 49 -0.29 -10.98 -1.91
N ASP B 50 -1.08 -9.99 -1.49
CA ASP B 50 -2.03 -10.16 -0.39
C ASP B 50 -3.44 -10.34 -0.95
N GLU B 51 -3.58 -10.21 -2.26
CA GLU B 51 -4.89 -10.36 -2.91
C GLU B 51 -5.20 -11.84 -3.28
N TYR B 52 -6.27 -12.37 -2.70
CA TYR B 52 -6.76 -13.74 -2.89
C TYR B 52 -7.41 -13.89 -4.27
N MET B 53 -6.92 -14.83 -5.07
CA MET B 53 -7.41 -15.06 -6.42
C MET B 53 -8.50 -16.11 -6.46
N GLY B 54 -8.34 -17.09 -5.57
CA GLY B 54 -9.30 -18.17 -5.46
C GLY B 54 -8.65 -19.49 -5.04
N HIS B 55 -9.31 -20.55 -5.47
CA HIS B 55 -8.86 -21.89 -5.13
C HIS B 55 -8.20 -22.54 -6.32
N LYS B 56 -6.99 -23.07 -6.12
CA LYS B 56 -6.26 -23.77 -7.21
C LYS B 56 -7.01 -25.04 -7.60
N TRP B 57 -7.26 -25.23 -8.89
CA TRP B 57 -7.03 -24.21 -9.89
C TRP B 57 -8.36 -24.15 -10.63
N GLN B 58 -9.33 -23.61 -9.94
CA GLN B 58 -10.66 -23.55 -10.49
C GLN B 58 -10.94 -22.45 -11.50
N CYS B 59 -12.11 -22.56 -12.12
CA CYS B 59 -12.52 -21.60 -13.12
C CYS B 59 -12.53 -20.16 -12.53
N VAL B 60 -13.12 -19.98 -11.34
CA VAL B 60 -13.18 -18.66 -10.70
C VAL B 60 -11.75 -18.11 -10.44
N GLU B 61 -10.84 -18.97 -10.02
CA GLU B 61 -9.49 -18.53 -9.71
C GLU B 61 -8.83 -17.92 -10.95
N PHE B 62 -8.97 -18.59 -12.10
CA PHE B 62 -8.37 -18.05 -13.30
C PHE B 62 -8.97 -16.68 -13.68
N ALA B 63 -10.31 -16.61 -13.74
CA ALA B 63 -11.03 -15.39 -14.08
C ALA B 63 -10.64 -14.19 -13.18
N ARG B 64 -10.61 -14.40 -11.86
CA ARG B 64 -10.24 -13.32 -10.95
C ARG B 64 -8.78 -12.88 -11.18
N ARG B 65 -7.88 -13.86 -11.31
CA ARG B 65 -6.45 -13.58 -11.56
C ARG B 65 -6.26 -12.84 -12.91
N PHE B 66 -6.96 -13.31 -13.95
CA PHE B 66 -6.85 -12.66 -15.26
C PHE B 66 -7.17 -11.18 -15.06
N LEU B 67 -8.36 -10.93 -14.51
CA LEU B 67 -8.86 -9.56 -14.27
C LEU B 67 -7.87 -8.75 -13.37
N PHE B 68 -7.28 -9.40 -12.36
CA PHE B 68 -6.39 -8.69 -11.47
C PHE B 68 -5.02 -8.41 -12.11
N LEU B 69 -4.42 -9.39 -12.78
CA LEU B 69 -3.15 -9.11 -13.43
C LEU B 69 -3.24 -8.15 -14.61
N ASN B 70 -4.37 -8.15 -15.32
CA ASN B 70 -4.48 -7.31 -16.49
C ASN B 70 -5.16 -5.97 -16.24
N TYR B 71 -6.15 -5.92 -15.35
CA TYR B 71 -6.85 -4.66 -15.14
C TYR B 71 -6.88 -4.22 -13.69
N GLY B 72 -6.08 -4.87 -12.87
CA GLY B 72 -6.08 -4.51 -11.48
C GLY B 72 -7.46 -4.51 -10.83
N VAL B 73 -8.38 -5.33 -11.28
CA VAL B 73 -9.68 -5.38 -10.60
C VAL B 73 -10.04 -6.80 -10.19
N VAL B 74 -10.96 -6.89 -9.23
CA VAL B 74 -11.43 -8.19 -8.80
C VAL B 74 -12.92 -8.16 -8.44
N PHE B 75 -13.49 -9.34 -8.39
CA PHE B 75 -14.86 -9.47 -8.00
C PHE B 75 -14.82 -10.23 -6.72
N THR B 76 -15.86 -9.98 -5.96
CA THR B 76 -16.07 -10.51 -4.66
C THR B 76 -16.10 -12.04 -4.61
N ASP B 77 -15.84 -12.60 -3.44
CA ASP B 77 -15.89 -14.04 -3.23
C ASP B 77 -17.28 -14.57 -3.53
N VAL B 78 -17.34 -15.72 -4.20
CA VAL B 78 -18.58 -16.38 -4.57
C VAL B 78 -18.45 -17.87 -4.26
N GLY B 79 -19.57 -18.50 -3.91
CA GLY B 79 -19.56 -19.93 -3.66
C GLY B 79 -19.39 -20.63 -5.01
N MET B 80 -20.32 -20.42 -5.93
CA MET B 80 -20.20 -21.07 -7.26
C MET B 80 -20.06 -20.05 -8.40
N ALA B 81 -19.34 -20.42 -9.44
CA ALA B 81 -19.18 -19.55 -10.58
C ALA B 81 -20.46 -18.87 -11.11
N TRP B 82 -21.57 -19.63 -11.20
CA TRP B 82 -22.79 -19.00 -11.77
C TRP B 82 -23.22 -17.76 -11.04
N GLU B 83 -22.82 -17.63 -9.78
CA GLU B 83 -23.18 -16.45 -8.96
C GLU B 83 -22.54 -15.16 -9.44
N ILE B 84 -21.41 -15.27 -10.13
CA ILE B 84 -20.76 -14.06 -10.64
C ILE B 84 -21.75 -13.23 -11.46
N PHE B 85 -22.56 -13.89 -12.29
CA PHE B 85 -23.53 -13.21 -13.15
C PHE B 85 -24.49 -12.29 -12.38
N SER B 86 -24.61 -12.51 -11.08
CA SER B 86 -25.49 -11.69 -10.23
C SER B 86 -24.79 -10.49 -9.66
N LEU B 87 -23.45 -10.47 -9.75
CA LEU B 87 -22.70 -9.33 -9.26
C LEU B 87 -22.85 -8.08 -10.12
N ARG B 88 -22.77 -6.94 -9.46
CA ARG B 88 -22.90 -5.69 -10.18
C ARG B 88 -21.70 -4.74 -10.02
N PHE B 89 -20.57 -5.25 -9.53
CA PHE B 89 -19.41 -4.38 -9.48
C PHE B 89 -18.12 -5.08 -9.29
N LEU B 90 -17.06 -4.32 -9.47
CA LEU B 90 -15.74 -4.83 -9.31
C LEU B 90 -14.97 -3.87 -8.46
N ARG B 91 -14.10 -4.42 -7.62
CA ARG B 91 -13.22 -3.64 -6.78
C ARG B 91 -11.88 -3.36 -7.50
N GLU B 92 -11.53 -2.08 -7.60
CA GLU B 92 -10.27 -1.68 -8.20
C GLU B 92 -9.28 -1.69 -7.01
N VAL B 93 -8.42 -2.70 -6.99
CA VAL B 93 -7.51 -2.91 -5.92
C VAL B 93 -6.57 -1.81 -5.45
N VAL B 94 -5.83 -1.19 -6.36
CA VAL B 94 -4.88 -0.18 -5.91
C VAL B 94 -5.50 0.99 -5.14
N ASN B 95 -6.75 1.37 -5.39
CA ASN B 95 -7.31 2.48 -4.59
C ASN B 95 -8.59 2.14 -3.78
N ASP B 96 -8.93 0.86 -3.70
CA ASP B 96 -10.11 0.34 -2.97
C ASP B 96 -11.44 0.90 -3.43
N ASN B 97 -11.40 1.39 -4.68
CA ASN B 97 -12.45 1.96 -5.53
C ASN B 97 -13.51 0.90 -5.99
N ILE B 98 -14.73 1.34 -6.34
CA ILE B 98 -15.78 0.40 -6.76
C ILE B 98 -16.35 0.75 -8.11
N LEU B 99 -16.15 -0.15 -9.07
CA LEU B 99 -16.60 0.11 -10.44
C LEU B 99 -17.84 -0.64 -10.82
N PRO B 100 -18.63 -0.05 -11.73
CA PRO B 100 -19.85 -0.78 -12.10
C PRO B 100 -19.56 -1.92 -13.09
N LEU B 101 -20.30 -2.99 -12.90
CA LEU B 101 -20.23 -4.17 -13.74
C LEU B 101 -21.65 -4.48 -14.23
N GLN B 102 -21.85 -4.46 -15.55
CA GLN B 102 -23.16 -4.79 -16.11
C GLN B 102 -23.16 -6.21 -16.66
N ALA B 103 -24.35 -6.81 -16.71
CA ALA B 103 -24.58 -8.16 -17.20
C ALA B 103 -25.45 -8.09 -18.46
N PHE B 104 -25.17 -8.97 -19.40
CA PHE B 104 -25.91 -9.03 -20.64
C PHE B 104 -26.27 -10.49 -20.90
N PRO B 105 -27.55 -10.76 -21.19
CA PRO B 105 -27.98 -12.14 -21.45
C PRO B 105 -27.47 -12.63 -22.81
N ASN B 106 -27.21 -13.92 -22.93
CA ASN B 106 -26.77 -14.48 -24.20
C ASN B 106 -27.90 -14.09 -25.15
N GLY B 107 -27.57 -13.61 -26.34
CA GLY B 107 -28.61 -13.18 -27.23
C GLY B 107 -28.82 -11.75 -26.80
N SER B 108 -27.84 -10.92 -27.08
CA SER B 108 -27.94 -9.54 -26.67
C SER B 108 -27.45 -8.63 -27.76
N PRO B 109 -27.93 -7.37 -27.79
CA PRO B 109 -27.50 -6.39 -28.80
C PRO B 109 -26.08 -5.93 -28.39
N ARG B 110 -25.77 -6.12 -27.09
CA ARG B 110 -24.47 -5.79 -26.55
C ARG B 110 -23.48 -6.91 -26.89
N ALA B 111 -22.66 -6.68 -27.93
CA ALA B 111 -21.65 -7.67 -28.33
C ALA B 111 -20.66 -7.97 -27.17
N PRO B 112 -20.17 -9.22 -27.11
CA PRO B 112 -19.23 -9.66 -26.08
C PRO B 112 -17.80 -9.27 -26.45
N VAL B 113 -17.22 -8.28 -25.81
CA VAL B 113 -15.86 -7.86 -26.16
C VAL B 113 -14.76 -8.64 -25.45
N ALA B 114 -13.54 -8.52 -25.96
CA ALA B 114 -12.42 -9.22 -25.35
C ALA B 114 -12.36 -8.64 -23.93
N GLY B 115 -11.88 -9.43 -22.98
CA GLY B 115 -11.79 -8.97 -21.63
C GLY B 115 -13.04 -9.27 -20.80
N ALA B 116 -14.19 -9.46 -21.45
CA ALA B 116 -15.43 -9.68 -20.73
C ALA B 116 -15.54 -11.01 -19.96
N LEU B 117 -16.31 -10.96 -18.88
CA LEU B 117 -16.57 -12.17 -18.09
C LEU B 117 -17.65 -12.96 -18.82
N LEU B 118 -17.51 -14.27 -18.97
CA LEU B 118 -18.55 -15.02 -19.62
C LEU B 118 -19.00 -16.07 -18.57
N ILE B 119 -20.27 -16.03 -18.22
CA ILE B 119 -20.79 -16.92 -17.20
C ILE B 119 -21.80 -17.97 -17.64
N TRP B 120 -21.61 -19.18 -17.10
CA TRP B 120 -22.50 -20.30 -17.32
C TRP B 120 -23.34 -20.50 -16.04
N ASP B 121 -24.63 -20.70 -16.22
CA ASP B 121 -25.48 -21.00 -15.11
C ASP B 121 -25.11 -22.45 -14.73
N LYS B 122 -25.53 -22.92 -13.57
CA LYS B 122 -25.23 -24.31 -13.23
C LYS B 122 -26.08 -25.15 -14.20
N GLY B 123 -25.63 -26.37 -14.48
CA GLY B 123 -26.35 -27.21 -15.41
C GLY B 123 -25.49 -27.99 -16.42
N GLY B 124 -25.93 -29.22 -16.66
CA GLY B 124 -25.26 -30.12 -17.60
C GLY B 124 -23.82 -30.38 -17.25
N GLU B 125 -22.93 -30.11 -18.20
CA GLU B 125 -21.49 -30.27 -17.99
C GLU B 125 -21.02 -29.55 -16.73
N PHE B 126 -21.65 -28.42 -16.38
CA PHE B 126 -21.26 -27.67 -15.21
C PHE B 126 -22.31 -27.81 -14.10
N LYS B 127 -22.81 -29.03 -13.96
CA LYS B 127 -23.81 -29.40 -12.99
C LYS B 127 -24.14 -28.42 -11.85
N ASP B 128 -23.36 -28.41 -10.81
CA ASP B 128 -23.76 -27.52 -9.71
C ASP B 128 -23.11 -26.15 -9.63
N THR B 129 -21.85 -26.13 -10.05
CA THR B 129 -20.96 -24.97 -10.02
C THR B 129 -21.25 -23.89 -11.02
N GLY B 130 -21.71 -24.26 -12.19
CA GLY B 130 -21.89 -23.30 -13.27
C GLY B 130 -20.45 -23.21 -13.79
N HIS B 131 -20.11 -22.13 -14.49
CA HIS B 131 -18.74 -21.95 -14.98
C HIS B 131 -18.47 -20.49 -15.31
N VAL B 132 -17.16 -20.16 -15.41
CA VAL B 132 -16.75 -18.81 -15.81
C VAL B 132 -15.47 -18.92 -16.65
N ALA B 133 -15.40 -18.10 -17.67
CA ALA B 133 -14.26 -18.03 -18.56
C ALA B 133 -14.07 -16.55 -18.93
N ILE B 134 -13.04 -16.24 -19.68
CA ILE B 134 -12.78 -14.89 -20.12
C ILE B 134 -12.78 -14.87 -21.65
N ILE B 135 -13.51 -13.92 -22.24
CA ILE B 135 -13.54 -13.82 -23.70
C ILE B 135 -12.19 -13.17 -24.13
N THR B 136 -11.40 -13.82 -24.97
CA THR B 136 -10.11 -13.22 -25.36
C THR B 136 -10.13 -12.48 -26.68
N GLN B 137 -10.94 -12.96 -27.62
CA GLN B 137 -11.06 -12.34 -28.92
C GLN B 137 -12.42 -12.62 -29.57
N LEU B 138 -12.95 -11.56 -30.18
CA LEU B 138 -14.22 -11.63 -30.83
C LEU B 138 -13.95 -11.67 -32.33
N HIS B 139 -14.76 -12.43 -33.05
CA HIS B 139 -14.64 -12.53 -34.50
C HIS B 139 -16.01 -12.20 -35.08
N GLY B 140 -16.20 -12.59 -36.34
CA GLY B 140 -17.47 -12.36 -37.03
C GLY B 140 -18.44 -13.46 -36.63
N ASN B 141 -17.94 -14.69 -36.53
CA ASN B 141 -18.80 -15.79 -36.18
C ASN B 141 -18.28 -16.73 -35.10
N LYS B 142 -17.54 -16.17 -34.15
CA LYS B 142 -17.02 -16.97 -33.04
C LYS B 142 -16.28 -16.08 -32.09
N VAL B 143 -15.98 -16.62 -30.92
CA VAL B 143 -15.15 -15.89 -29.99
C VAL B 143 -14.21 -16.94 -29.44
N ARG B 144 -13.07 -16.50 -28.93
CA ARG B 144 -12.16 -17.42 -28.26
C ARG B 144 -12.25 -17.03 -26.79
N ILE B 145 -12.07 -18.01 -25.94
CA ILE B 145 -12.17 -17.80 -24.53
C ILE B 145 -11.01 -18.53 -23.86
N ALA B 146 -10.69 -18.13 -22.62
CA ALA B 146 -9.63 -18.78 -21.84
C ALA B 146 -10.29 -19.15 -20.53
N GLU B 147 -9.83 -20.21 -19.87
CA GLU B 147 -10.51 -20.65 -18.67
C GLU B 147 -9.71 -21.76 -18.09
N GLN B 148 -9.99 -22.07 -16.82
CA GLN B 148 -9.36 -23.17 -16.16
C GLN B 148 -10.51 -24.15 -15.83
N ASN B 149 -10.17 -25.40 -15.60
CA ASN B 149 -11.17 -26.40 -15.27
C ASN B 149 -12.06 -26.96 -16.39
N VAL B 150 -11.61 -26.88 -17.64
CA VAL B 150 -12.33 -27.48 -18.76
C VAL B 150 -11.21 -28.25 -19.47
N ILE B 151 -10.24 -27.53 -20.02
CA ILE B 151 -9.07 -28.13 -20.68
C ILE B 151 -8.02 -28.54 -19.63
N HIS B 152 -7.65 -29.81 -19.53
CA HIS B 152 -6.61 -30.18 -18.56
C HIS B 152 -5.31 -30.68 -19.25
N SER B 153 -5.21 -30.51 -20.57
CA SER B 153 -4.05 -30.91 -21.37
C SER B 153 -3.32 -29.66 -21.90
N PRO B 154 -2.01 -29.73 -22.12
CA PRO B 154 -1.25 -28.57 -22.60
C PRO B 154 -1.78 -27.99 -23.89
N LEU B 155 -1.84 -26.68 -23.95
CA LEU B 155 -2.35 -26.08 -25.15
C LEU B 155 -1.25 -26.00 -26.18
N PRO B 156 -1.61 -25.88 -27.45
CA PRO B 156 -0.62 -25.77 -28.52
C PRO B 156 0.27 -24.60 -28.13
N GLN B 157 1.51 -24.63 -28.60
CA GLN B 157 2.45 -23.57 -28.25
C GLN B 157 2.02 -22.17 -28.65
N GLY B 158 1.98 -21.27 -27.66
CA GLY B 158 1.58 -19.89 -27.94
C GLY B 158 0.10 -19.57 -28.14
N GLN B 159 -0.73 -20.59 -28.11
CA GLN B 159 -2.16 -20.37 -28.26
C GLN B 159 -2.64 -19.90 -26.89
N GLN B 160 -3.24 -18.72 -26.88
CA GLN B 160 -3.72 -18.08 -25.67
C GLN B 160 -5.24 -18.07 -25.48
N TRP B 161 -5.85 -19.20 -25.82
CA TRP B 161 -7.28 -19.44 -25.63
C TRP B 161 -7.41 -20.96 -25.49
N THR B 162 -8.41 -21.40 -24.75
CA THR B 162 -8.65 -22.83 -24.54
C THR B 162 -9.74 -23.39 -25.46
N ARG B 163 -10.71 -22.57 -25.85
CA ARG B 163 -11.84 -23.04 -26.68
C ARG B 163 -12.38 -21.95 -27.55
N GLU B 164 -13.08 -22.29 -28.63
CA GLU B 164 -13.68 -21.26 -29.46
C GLU B 164 -15.14 -21.62 -29.39
N LEU B 165 -16.01 -20.63 -29.40
CA LEU B 165 -17.44 -20.92 -29.37
C LEU B 165 -18.02 -20.15 -30.53
N GLU B 166 -18.92 -20.81 -31.24
CA GLU B 166 -19.59 -20.21 -32.39
C GLU B 166 -20.49 -19.07 -31.92
N MET B 167 -20.51 -17.99 -32.68
CA MET B 167 -21.35 -16.85 -32.33
C MET B 167 -22.20 -16.50 -33.54
N VAL B 168 -23.51 -16.40 -33.30
CA VAL B 168 -24.46 -16.11 -34.35
C VAL B 168 -24.82 -14.66 -34.21
N VAL B 169 -24.79 -13.93 -35.30
CA VAL B 169 -25.12 -12.51 -35.22
C VAL B 169 -26.29 -12.26 -36.15
N GLU B 170 -27.49 -12.12 -35.58
CA GLU B 170 -28.70 -11.86 -36.36
C GLU B 170 -29.36 -10.58 -35.91
N ASN B 171 -29.56 -9.69 -36.86
CA ASN B 171 -30.23 -8.41 -36.60
C ASN B 171 -29.64 -7.66 -35.42
N GLY B 172 -28.32 -7.48 -35.46
CA GLY B 172 -27.65 -6.78 -34.38
C GLY B 172 -27.64 -7.54 -33.05
N CYS B 173 -28.23 -8.75 -32.96
CA CYS B 173 -28.22 -9.50 -31.70
C CYS B 173 -27.10 -10.55 -31.68
N TYR B 174 -26.43 -10.69 -30.54
CA TYR B 174 -25.35 -11.66 -30.45
C TYR B 174 -25.67 -12.90 -29.61
N THR B 175 -25.42 -14.09 -30.16
CA THR B 175 -25.68 -15.30 -29.40
C THR B 175 -24.52 -16.24 -29.48
N LEU B 176 -24.13 -16.77 -28.33
CA LEU B 176 -23.04 -17.69 -28.32
C LEU B 176 -23.57 -19.09 -28.12
N LYS B 177 -22.91 -20.06 -28.73
CA LYS B 177 -23.36 -21.43 -28.56
C LYS B 177 -22.20 -22.19 -28.00
N ASP B 178 -22.43 -22.99 -26.96
CA ASP B 178 -21.38 -23.74 -26.29
C ASP B 178 -20.87 -24.94 -27.03
N THR B 179 -19.72 -25.45 -26.64
CA THR B 179 -19.28 -26.61 -27.33
C THR B 179 -19.97 -27.80 -26.67
N PHE B 180 -20.70 -27.56 -25.57
CA PHE B 180 -21.34 -28.70 -24.92
C PHE B 180 -22.82 -28.63 -25.28
N ASP B 181 -23.48 -29.80 -25.29
CA ASP B 181 -24.91 -29.91 -25.65
C ASP B 181 -25.96 -29.77 -24.54
N ASP B 182 -25.52 -29.65 -23.29
CA ASP B 182 -26.49 -29.63 -22.16
C ASP B 182 -26.21 -28.51 -21.16
N THR B 183 -25.52 -27.47 -21.62
CA THR B 183 -25.13 -26.38 -20.75
C THR B 183 -25.95 -25.15 -20.99
N THR B 184 -25.93 -24.22 -20.07
CA THR B 184 -26.69 -23.00 -20.25
C THR B 184 -25.78 -21.77 -20.05
N ILE B 185 -25.55 -20.99 -21.12
CA ILE B 185 -24.77 -19.79 -21.05
C ILE B 185 -25.63 -18.61 -20.56
N LEU B 186 -25.30 -18.05 -19.38
CA LEU B 186 -26.09 -16.93 -18.86
C LEU B 186 -25.84 -15.67 -19.71
N GLY B 187 -24.57 -15.35 -19.97
CA GLY B 187 -24.31 -14.14 -20.74
C GLY B 187 -22.91 -13.65 -20.42
N TRP B 188 -22.65 -12.38 -20.73
CA TRP B 188 -21.34 -11.80 -20.47
C TRP B 188 -21.41 -10.55 -19.61
N MET B 189 -20.27 -10.14 -19.11
CA MET B 189 -20.24 -8.99 -18.22
C MET B 189 -19.22 -7.94 -18.59
N ILE B 190 -19.66 -6.70 -18.57
CA ILE B 190 -18.74 -5.65 -18.90
C ILE B 190 -18.70 -4.57 -17.81
N GLN B 191 -17.46 -4.16 -17.52
CA GLN B 191 -17.15 -3.11 -16.57
C GLN B 191 -17.40 -1.81 -17.31
N THR B 192 -18.60 -1.27 -17.20
CA THR B 192 -18.95 -0.02 -17.87
C THR B 192 -20.12 0.69 -17.14
N GLU B 193 -20.18 2.01 -17.23
CA GLU B 193 -21.27 2.75 -16.61
C GLU B 193 -22.49 2.67 -17.51
N ASP B 194 -22.30 2.29 -18.77
CA ASP B 194 -23.41 2.22 -19.73
C ASP B 194 -24.35 1.02 -19.46
N THR B 195 -25.56 1.36 -19.02
CA THR B 195 -26.58 0.40 -18.65
C THR B 195 -27.43 -0.13 -19.78
N GLU B 196 -27.31 0.50 -20.96
CA GLU B 196 -28.12 0.09 -22.09
C GLU B 196 -27.97 -1.38 -22.42
N TYR B 197 -29.11 -2.05 -22.58
CA TYR B 197 -29.19 -3.50 -22.85
C TYR B 197 -28.87 -4.36 -21.62
N SER B 198 -28.42 -3.74 -20.54
CA SER B 198 -28.05 -4.53 -19.38
C SER B 198 -29.25 -5.11 -18.65
N LEU B 199 -28.99 -6.15 -17.87
CA LEU B 199 -29.99 -6.79 -17.04
C LEU B 199 -30.08 -6.07 -15.70
N PRO B 200 -31.28 -5.97 -15.14
CA PRO B 200 -31.36 -5.29 -13.83
C PRO B 200 -30.77 -6.22 -12.76
N GLN B 201 -30.31 -5.67 -11.65
CA GLN B 201 -29.73 -6.54 -10.61
C GLN B 201 -30.76 -7.55 -10.12
N PRO B 202 -30.42 -8.86 -10.15
CA PRO B 202 -31.41 -9.84 -9.68
C PRO B 202 -31.87 -9.58 -8.24
N GLU B 203 -33.19 -9.60 -8.06
CA GLU B 203 -33.87 -9.38 -6.78
C GLU B 203 -34.51 -10.69 -6.35
N ILE B 204 -34.30 -11.11 -5.10
CA ILE B 204 -34.90 -12.36 -4.65
C ILE B 204 -36.34 -12.20 -4.16
N ALA B 205 -37.17 -13.20 -4.46
CA ALA B 205 -38.59 -13.24 -4.05
C ALA B 205 -38.72 -13.20 -2.52
N GLY B 206 -39.46 -12.22 -2.03
CA GLY B 206 -39.65 -12.09 -0.60
C GLY B 206 -39.96 -13.37 0.14
N GLU B 207 -40.86 -14.14 -0.42
CA GLU B 207 -41.23 -15.38 0.23
C GLU B 207 -40.06 -16.27 0.55
N LEU B 208 -38.97 -16.17 -0.21
CA LEU B 208 -37.87 -17.09 0.08
C LEU B 208 -36.96 -16.67 1.23
N LEU B 209 -37.26 -15.49 1.74
CA LEU B 209 -36.51 -14.94 2.86
C LEU B 209 -37.32 -15.13 4.15
N LYS B 210 -38.54 -15.64 4.11
CA LYS B 210 -39.26 -15.76 5.38
C LYS B 210 -38.65 -16.80 6.35
N ILE B 211 -38.57 -16.40 7.61
CA ILE B 211 -38.03 -17.28 8.63
C ILE B 211 -39.24 -18.12 9.13
N SER B 212 -39.03 -19.41 9.33
CA SER B 212 -40.12 -20.29 9.78
C SER B 212 -39.82 -20.99 11.11
N GLY B 213 -40.80 -21.06 12.00
CA GLY B 213 -40.60 -21.77 13.25
C GLY B 213 -40.73 -23.26 12.95
N ALA B 214 -40.25 -24.12 13.82
CA ALA B 214 -40.33 -25.57 13.68
C ALA B 214 -40.11 -26.17 15.05
N ARG B 215 -40.42 -27.44 15.25
CA ARG B 215 -40.25 -28.04 16.57
C ARG B 215 -39.77 -29.46 16.56
N LEU B 216 -38.74 -29.76 17.32
CA LEU B 216 -38.19 -31.09 17.39
C LEU B 216 -39.23 -31.93 18.08
N GLU B 217 -39.10 -33.24 18.01
CA GLU B 217 -40.06 -34.08 18.70
C GLU B 217 -39.51 -34.12 20.12
N ASN B 218 -40.39 -34.03 21.11
CA ASN B 218 -39.88 -34.07 22.46
C ASN B 218 -39.70 -35.51 22.93
N LYS B 219 -38.46 -35.94 22.93
CA LYS B 219 -38.14 -37.27 23.36
C LYS B 219 -37.26 -37.07 24.59
N GLY B 220 -37.36 -35.86 25.16
CA GLY B 220 -36.57 -35.54 26.35
C GLY B 220 -35.08 -35.37 26.07
N GLN B 221 -34.72 -34.98 24.85
CA GLN B 221 -33.32 -34.79 24.44
C GLN B 221 -32.58 -33.68 25.19
N PHE B 222 -33.30 -32.71 25.73
CA PHE B 222 -32.62 -31.62 26.45
C PHE B 222 -32.98 -31.58 27.94
N ASP B 223 -33.32 -32.75 28.47
CA ASP B 223 -33.69 -32.86 29.87
C ASP B 223 -32.58 -32.61 30.88
N GLY B 224 -31.42 -33.23 30.70
CA GLY B 224 -30.35 -33.02 31.65
C GLY B 224 -29.14 -32.30 31.08
N LYS B 225 -27.97 -32.90 31.29
CA LYS B 225 -26.73 -32.32 30.81
C LYS B 225 -26.47 -32.66 29.34
N TRP B 226 -27.13 -31.95 28.43
CA TRP B 226 -26.94 -32.26 27.03
C TRP B 226 -25.63 -31.70 26.49
N LEU B 227 -25.10 -30.65 27.10
CA LEU B 227 -23.83 -30.17 26.63
C LEU B 227 -22.80 -31.09 27.31
N ASP B 228 -21.77 -31.42 26.54
CA ASP B 228 -20.70 -32.29 26.95
C ASP B 228 -19.83 -31.59 27.97
N GLU B 229 -19.92 -31.97 29.25
CA GLU B 229 -19.09 -31.28 30.25
C GLU B 229 -17.64 -31.73 30.20
N LYS B 230 -17.36 -32.76 29.42
CA LYS B 230 -15.98 -33.18 29.28
C LYS B 230 -15.22 -32.10 28.44
N ASP B 231 -15.85 -31.57 27.38
CA ASP B 231 -15.23 -30.53 26.58
C ASP B 231 -15.10 -29.23 27.38
N PRO B 232 -13.85 -28.80 27.69
CA PRO B 232 -13.53 -27.59 28.46
C PRO B 232 -14.30 -26.35 27.99
N LEU B 233 -14.37 -26.22 26.67
CA LEU B 233 -15.08 -25.13 26.03
C LEU B 233 -16.54 -25.11 26.39
N GLN B 234 -17.19 -26.28 26.27
CA GLN B 234 -18.60 -26.40 26.59
C GLN B 234 -18.80 -26.16 28.08
N ASN B 235 -17.87 -26.64 28.90
CA ASN B 235 -18.01 -26.42 30.33
C ASN B 235 -17.80 -24.92 30.68
N ALA B 236 -16.89 -24.26 30.01
CA ALA B 236 -16.71 -22.83 30.25
C ALA B 236 -18.06 -22.22 29.89
N TYR B 237 -18.68 -22.73 28.82
CA TYR B 237 -19.96 -22.12 28.43
C TYR B 237 -21.04 -22.36 29.50
N VAL B 238 -21.10 -23.57 30.04
CA VAL B 238 -22.07 -23.88 31.09
C VAL B 238 -21.78 -23.05 32.34
N GLN B 239 -20.50 -22.82 32.65
CA GLN B 239 -20.20 -22.05 33.86
C GLN B 239 -20.77 -20.64 33.71
N ALA B 240 -20.86 -20.16 32.49
CA ALA B 240 -21.37 -18.85 32.31
C ALA B 240 -22.87 -18.81 32.14
N ASN B 241 -23.43 -19.87 31.59
CA ASN B 241 -24.84 -19.88 31.25
C ASN B 241 -25.73 -21.04 31.70
N GLY B 242 -25.16 -22.14 32.18
CA GLY B 242 -25.99 -23.27 32.51
C GLY B 242 -26.11 -24.08 31.24
N GLN B 243 -26.97 -25.10 31.25
CA GLN B 243 -27.19 -25.99 30.10
C GLN B 243 -28.31 -25.36 29.34
N VAL B 244 -28.03 -24.17 28.86
CA VAL B 244 -29.03 -23.38 28.20
C VAL B 244 -28.56 -22.59 26.98
N ILE B 245 -29.38 -22.66 25.91
CA ILE B 245 -29.11 -21.88 24.72
C ILE B 245 -30.24 -20.90 24.54
N ASN B 246 -31.48 -21.39 24.61
CA ASN B 246 -32.65 -20.54 24.43
C ASN B 246 -33.70 -20.96 25.41
N GLN B 247 -34.82 -20.28 25.43
CA GLN B 247 -35.84 -20.69 26.38
C GLN B 247 -36.27 -22.12 26.09
N ASP B 248 -36.86 -22.36 24.92
CA ASP B 248 -37.33 -23.70 24.58
C ASP B 248 -36.45 -24.37 23.52
N PRO B 249 -35.53 -25.25 23.95
CA PRO B 249 -34.61 -25.95 23.02
C PRO B 249 -35.24 -26.91 22.01
N TYR B 250 -36.51 -27.23 22.18
CA TYR B 250 -37.18 -28.12 21.28
C TYR B 250 -37.64 -27.30 20.11
N HIS B 251 -37.60 -25.99 20.26
CA HIS B 251 -38.02 -25.11 19.16
C HIS B 251 -36.82 -24.55 18.34
N TYR B 252 -36.99 -24.47 17.02
CA TYR B 252 -35.94 -23.87 16.16
C TYR B 252 -36.58 -23.14 15.01
N TYR B 253 -35.76 -22.47 14.22
CA TYR B 253 -36.23 -21.73 13.05
C TYR B 253 -35.42 -22.25 11.87
N THR B 254 -35.98 -22.08 10.67
CA THR B 254 -35.34 -22.54 9.44
C THR B 254 -35.41 -21.44 8.40
N ILE B 255 -34.46 -21.46 7.49
CA ILE B 255 -34.43 -20.52 6.38
C ILE B 255 -34.07 -21.36 5.18
N THR B 256 -34.53 -20.93 4.02
CA THR B 256 -34.26 -21.67 2.80
C THR B 256 -32.82 -21.51 2.38
N GLU B 257 -32.39 -22.38 1.47
CA GLU B 257 -31.05 -22.29 0.97
C GLU B 257 -30.92 -21.02 0.13
N SER B 258 -32.00 -20.64 -0.57
CA SER B 258 -31.93 -19.43 -1.39
C SER B 258 -31.62 -18.32 -0.43
N ALA B 259 -32.27 -18.32 0.74
CA ALA B 259 -32.04 -17.28 1.73
C ALA B 259 -30.59 -17.23 2.21
N GLU B 260 -29.99 -18.37 2.52
CA GLU B 260 -28.63 -18.37 2.96
C GLU B 260 -27.71 -17.77 1.86
N GLN B 261 -27.93 -18.25 0.63
CA GLN B 261 -27.22 -17.73 -0.55
C GLN B 261 -27.33 -16.18 -0.58
N GLU B 262 -28.51 -15.67 -0.29
CA GLU B 262 -28.69 -14.22 -0.27
C GLU B 262 -27.89 -13.62 0.87
N LEU B 263 -27.85 -14.30 2.04
CA LEU B 263 -27.10 -13.80 3.20
C LEU B 263 -25.61 -13.74 2.90
N ILE B 264 -25.12 -14.77 2.21
CA ILE B 264 -23.73 -14.88 1.82
C ILE B 264 -23.38 -13.73 0.89
N LYS B 265 -24.22 -13.56 -0.12
CA LYS B 265 -23.98 -12.54 -1.10
C LYS B 265 -23.91 -11.13 -0.44
N ALA B 266 -24.88 -10.82 0.42
CA ALA B 266 -24.92 -9.51 1.09
C ALA B 266 -23.75 -9.34 2.04
N THR B 267 -23.35 -10.39 2.74
CA THR B 267 -22.22 -10.28 3.66
C THR B 267 -20.97 -9.90 2.94
N ASN B 268 -20.68 -10.57 1.81
CA ASN B 268 -19.45 -10.26 1.07
C ASN B 268 -19.48 -8.87 0.45
N GLU B 269 -20.63 -8.46 -0.05
CA GLU B 269 -20.80 -7.16 -0.66
C GLU B 269 -20.74 -6.08 0.37
N LEU B 270 -21.42 -6.25 1.50
CA LEU B 270 -21.43 -5.19 2.50
C LEU B 270 -20.05 -5.11 3.16
N HIS B 271 -19.37 -6.22 3.30
CA HIS B 271 -18.02 -6.10 3.87
C HIS B 271 -17.16 -5.17 2.97
N LEU B 272 -17.30 -5.36 1.65
CA LEU B 272 -16.55 -4.58 0.66
C LEU B 272 -17.03 -3.13 0.70
N MET B 273 -18.34 -2.94 0.86
CA MET B 273 -18.85 -1.57 0.91
C MET B 273 -18.28 -0.80 2.12
N TYR B 274 -18.31 -1.47 3.27
CA TYR B 274 -17.82 -0.93 4.53
C TYR B 274 -16.32 -0.59 4.44
N LEU B 275 -15.50 -1.47 3.82
CA LEU B 275 -14.07 -1.17 3.75
C LEU B 275 -13.87 -0.04 2.79
N HIS B 276 -14.73 0.07 1.77
CA HIS B 276 -14.65 1.17 0.79
C HIS B 276 -15.03 2.48 1.51
N ALA B 277 -16.05 2.46 2.36
CA ALA B 277 -16.41 3.67 3.07
C ALA B 277 -15.32 3.95 4.14
N THR B 278 -14.61 2.93 4.60
CA THR B 278 -13.55 3.12 5.58
C THR B 278 -12.41 3.85 4.88
N ASP B 279 -12.09 3.43 3.68
CA ASP B 279 -11.03 4.11 2.90
C ASP B 279 -11.43 5.62 2.69
N LYS B 280 -12.67 5.88 2.30
CA LYS B 280 -13.08 7.25 2.07
C LYS B 280 -12.92 8.04 3.37
N VAL B 281 -13.30 7.42 4.47
CA VAL B 281 -13.18 8.09 5.75
C VAL B 281 -11.72 8.48 6.05
N LEU B 282 -10.82 7.52 5.93
CA LEU B 282 -9.45 7.76 6.25
C LEU B 282 -8.71 8.67 5.32
N LYS B 283 -9.33 8.98 4.19
CA LYS B 283 -8.78 9.87 3.21
C LYS B 283 -9.28 11.31 3.38
N ASP B 284 -10.18 11.54 4.34
CA ASP B 284 -10.75 12.87 4.54
C ASP B 284 -11.06 13.23 6.00
N ASP B 285 -10.27 14.16 6.52
CA ASP B 285 -10.42 14.67 7.88
C ASP B 285 -11.84 15.07 8.30
N ASN B 286 -12.61 15.61 7.38
CA ASN B 286 -13.98 16.00 7.72
C ASN B 286 -14.87 14.81 8.00
N LEU B 287 -14.66 13.73 7.28
CA LEU B 287 -15.41 12.51 7.53
C LEU B 287 -14.90 11.88 8.82
N LEU B 288 -13.58 11.74 8.96
CA LEU B 288 -12.99 11.13 10.17
C LEU B 288 -13.42 11.86 11.41
N ALA B 289 -13.53 13.19 11.32
CA ALA B 289 -13.92 13.99 12.50
C ALA B 289 -15.25 13.55 13.08
N LEU B 290 -16.14 13.09 12.21
CA LEU B 290 -17.44 12.63 12.64
C LEU B 290 -17.42 11.43 13.61
N PHE B 291 -16.28 10.74 13.75
CA PHE B 291 -16.25 9.54 14.59
C PHE B 291 -15.93 9.72 16.07
N ASP B 292 -15.61 10.95 16.46
CA ASP B 292 -15.24 11.31 17.81
C ASP B 292 -14.14 10.41 18.37
N ILE B 293 -13.20 10.04 17.54
CA ILE B 293 -12.04 9.26 17.98
C ILE B 293 -10.96 10.33 18.22
N PRO B 294 -10.23 10.23 19.35
CA PRO B 294 -9.17 11.15 19.77
C PRO B 294 -8.20 11.46 18.61
N LYS B 295 -8.16 12.72 18.22
CA LYS B 295 -7.33 13.23 17.13
C LYS B 295 -5.90 12.71 17.14
N ILE B 296 -5.35 12.46 18.32
CA ILE B 296 -3.99 11.94 18.43
C ILE B 296 -3.85 10.54 17.75
N LEU B 297 -4.97 9.83 17.58
CA LEU B 297 -4.90 8.50 16.96
C LEU B 297 -5.03 8.55 15.43
N TRP B 298 -5.54 9.65 14.91
CA TRP B 298 -5.73 9.68 13.47
C TRP B 298 -4.57 9.19 12.58
N PRO B 299 -3.35 9.65 12.79
CA PRO B 299 -2.35 9.09 11.85
C PRO B 299 -2.12 7.57 12.06
N ARG B 300 -2.31 7.14 13.30
CA ARG B 300 -2.18 5.73 13.57
C ARG B 300 -3.31 4.96 12.90
N LEU B 301 -4.52 5.52 12.85
CA LEU B 301 -5.61 4.85 12.18
C LEU B 301 -5.24 4.65 10.71
N ARG B 302 -4.69 5.68 10.08
CA ARG B 302 -4.28 5.64 8.64
C ARG B 302 -3.20 4.61 8.35
N LEU B 303 -2.21 4.55 9.21
CA LEU B 303 -1.14 3.58 9.09
C LEU B 303 -1.71 2.18 9.29
N SER B 304 -2.60 2.00 10.27
CA SER B 304 -3.17 0.66 10.45
C SER B 304 -3.89 0.23 9.14
N TRP B 305 -4.76 1.08 8.64
CA TRP B 305 -5.48 0.76 7.42
C TRP B 305 -4.52 0.40 6.27
N GLN B 306 -3.43 1.17 6.10
CA GLN B 306 -2.43 0.93 5.05
C GLN B 306 -1.68 -0.40 5.18
N ARG B 307 -1.19 -0.73 6.35
CA ARG B 307 -0.46 -1.96 6.49
C ARG B 307 -1.19 -3.25 7.01
N ARG B 308 -2.41 -3.16 7.52
CA ARG B 308 -3.08 -4.35 8.07
C ARG B 308 -4.42 -4.47 7.41
N ARG B 309 -4.49 -3.86 6.26
CA ARG B 309 -5.65 -3.83 5.40
C ARG B 309 -6.32 -5.24 5.28
N HIS B 310 -5.52 -6.27 5.14
CA HIS B 310 -6.01 -7.63 4.99
C HIS B 310 -5.89 -8.44 6.29
N HIS B 311 -5.71 -7.77 7.42
CA HIS B 311 -5.53 -8.56 8.63
C HIS B 311 -6.71 -8.74 9.52
N MET B 312 -7.92 -8.43 9.07
CA MET B 312 -9.05 -8.62 9.98
C MET B 312 -9.42 -10.08 10.12
N ILE B 313 -9.60 -10.57 11.34
CA ILE B 313 -9.93 -11.96 11.53
C ILE B 313 -11.42 -12.27 11.44
N THR B 314 -12.24 -11.59 12.22
CA THR B 314 -13.68 -11.87 12.17
C THR B 314 -14.52 -10.71 12.72
N GLY B 315 -15.75 -10.60 12.23
CA GLY B 315 -16.70 -9.59 12.64
C GLY B 315 -18.13 -10.19 12.49
N ARG B 316 -19.15 -9.42 12.87
CA ARG B 316 -20.52 -9.88 12.82
C ARG B 316 -21.48 -8.80 12.38
N MET B 317 -22.28 -9.10 11.33
CA MET B 317 -23.24 -8.16 10.86
C MET B 317 -24.65 -8.50 11.47
N ASP B 318 -25.39 -7.47 11.84
CA ASP B 318 -26.74 -7.67 12.38
C ASP B 318 -27.70 -7.22 11.29
N PHE B 319 -28.65 -8.10 10.95
CA PHE B 319 -29.64 -7.87 9.91
C PHE B 319 -31.10 -8.12 10.28
N CYS B 320 -31.96 -7.49 9.48
CA CYS B 320 -33.39 -7.70 9.53
C CYS B 320 -33.68 -8.40 8.20
N MET B 321 -34.15 -9.63 8.27
CA MET B 321 -34.51 -10.39 7.08
C MET B 321 -35.94 -10.94 7.19
N ASP B 322 -36.73 -10.73 6.15
CA ASP B 322 -38.12 -11.25 6.03
C ASP B 322 -38.55 -10.88 4.63
N GLU B 323 -39.83 -11.10 4.33
CA GLU B 323 -40.40 -10.84 3.00
C GLU B 323 -40.19 -9.43 2.44
N ARG B 324 -39.86 -8.47 3.29
CA ARG B 324 -39.61 -7.14 2.77
C ARG B 324 -38.21 -7.03 2.19
N GLY B 325 -37.34 -7.99 2.50
CA GLY B 325 -35.99 -7.91 2.01
C GLY B 325 -34.95 -8.12 3.11
N LEU B 326 -33.72 -7.71 2.78
CA LEU B 326 -32.55 -7.85 3.67
C LEU B 326 -31.96 -6.47 3.99
N LYS B 327 -31.83 -6.13 5.29
CA LYS B 327 -31.31 -4.83 5.68
C LYS B 327 -30.29 -4.98 6.78
N VAL B 328 -29.20 -4.22 6.69
CA VAL B 328 -28.18 -4.32 7.72
C VAL B 328 -28.26 -3.16 8.72
N TYR B 329 -28.35 -3.50 10.00
CA TYR B 329 -28.40 -2.49 11.05
C TYR B 329 -26.99 -2.00 11.36
N GLU B 330 -26.04 -2.93 11.40
CA GLU B 330 -24.66 -2.55 11.77
C GLU B 330 -23.69 -3.64 11.47
N TYR B 331 -22.39 -3.30 11.55
CA TYR B 331 -21.29 -4.24 11.35
C TYR B 331 -20.30 -4.20 12.58
N ASN B 332 -20.43 -5.21 13.43
CA ASN B 332 -19.59 -5.29 14.60
C ASN B 332 -18.25 -5.82 14.10
N ALA B 333 -17.43 -4.91 13.59
CA ALA B 333 -16.11 -5.27 13.03
C ALA B 333 -14.94 -5.23 14.00
N ASP B 334 -15.10 -4.56 15.14
CA ASP B 334 -13.98 -4.46 16.08
C ASP B 334 -13.97 -5.65 17.00
N SER B 335 -14.97 -5.83 17.83
CA SER B 335 -14.92 -7.01 18.68
C SER B 335 -16.31 -7.66 18.82
N ALA B 336 -16.58 -8.62 17.99
CA ALA B 336 -17.86 -9.31 18.00
C ALA B 336 -17.81 -10.67 18.65
N SER B 337 -18.92 -11.12 19.26
CA SER B 337 -18.93 -12.45 19.81
C SER B 337 -20.12 -13.23 19.19
N CYS B 338 -20.50 -14.35 19.84
CA CYS B 338 -21.60 -15.28 19.45
C CYS B 338 -21.06 -16.42 18.65
N HIS B 339 -19.77 -16.36 18.37
CA HIS B 339 -19.10 -17.42 17.62
C HIS B 339 -19.23 -18.77 18.32
N THR B 340 -19.07 -18.83 19.64
CA THR B 340 -19.17 -20.10 20.33
C THR B 340 -20.55 -20.70 20.24
N GLU B 341 -21.55 -19.85 20.46
CA GLU B 341 -22.95 -20.23 20.41
C GLU B 341 -23.31 -20.80 19.03
N ALA B 342 -23.00 -20.03 17.99
CA ALA B 342 -23.32 -20.41 16.62
C ALA B 342 -22.56 -21.62 16.10
N GLY B 343 -21.27 -21.61 16.39
CA GLY B 343 -20.37 -22.64 15.91
C GLY B 343 -20.09 -23.81 16.81
N LEU B 344 -20.52 -23.80 18.08
CA LEU B 344 -20.30 -25.00 18.87
C LEU B 344 -21.57 -25.45 19.63
N ILE B 345 -22.18 -24.56 20.42
CA ILE B 345 -23.33 -24.94 21.21
C ILE B 345 -24.43 -25.40 20.27
N LEU B 346 -24.71 -24.64 19.21
CA LEU B 346 -25.74 -25.09 18.29
C LEU B 346 -25.37 -26.39 17.61
N GLU B 347 -24.08 -26.61 17.34
CA GLU B 347 -23.67 -27.89 16.75
C GLU B 347 -24.08 -29.03 17.70
N ARG B 348 -23.72 -28.85 18.97
CA ARG B 348 -24.02 -29.85 20.00
C ARG B 348 -25.52 -29.98 20.13
N TRP B 349 -26.25 -28.86 20.02
CA TRP B 349 -27.71 -28.89 20.08
C TRP B 349 -28.27 -29.78 18.94
N ALA B 350 -27.70 -29.66 17.73
CA ALA B 350 -28.18 -30.39 16.55
C ALA B 350 -27.83 -31.82 16.78
N GLU B 351 -26.57 -32.06 17.10
CA GLU B 351 -26.10 -33.40 17.40
C GLU B 351 -27.05 -34.07 18.43
N GLN B 352 -27.47 -33.30 19.43
CA GLN B 352 -28.28 -33.85 20.50
C GLN B 352 -29.70 -34.09 20.13
N GLY B 353 -30.28 -33.19 19.36
CA GLY B 353 -31.66 -33.37 19.00
C GLY B 353 -32.21 -33.17 17.59
N TYR B 354 -31.40 -32.74 16.63
CA TYR B 354 -31.96 -32.54 15.30
C TYR B 354 -31.77 -33.81 14.47
N LYS B 355 -32.85 -34.32 13.87
CA LYS B 355 -32.76 -35.56 13.09
C LYS B 355 -33.04 -35.30 11.64
N GLY B 356 -33.10 -34.03 11.25
CA GLY B 356 -33.44 -33.71 9.87
C GLY B 356 -32.40 -33.70 8.79
N ASN B 357 -32.77 -33.14 7.63
CA ASN B 357 -31.90 -33.00 6.48
C ASN B 357 -31.13 -31.69 6.45
N GLY B 358 -31.68 -30.67 7.08
CA GLY B 358 -31.02 -29.36 7.10
C GLY B 358 -29.69 -29.25 7.82
N PHE B 359 -29.13 -28.04 7.90
CA PHE B 359 -27.85 -27.93 8.58
C PHE B 359 -27.71 -26.58 9.29
N ASN B 360 -26.75 -26.52 10.22
CA ASN B 360 -26.43 -25.32 10.98
C ASN B 360 -25.46 -24.52 10.11
N PRO B 361 -25.92 -23.37 9.58
CA PRO B 361 -25.11 -22.51 8.70
C PRO B 361 -23.79 -22.02 9.33
N ALA B 362 -23.63 -22.20 10.63
CA ALA B 362 -22.39 -21.80 11.28
C ALA B 362 -21.48 -22.99 11.59
N GLU B 363 -21.79 -24.17 11.07
CA GLU B 363 -20.97 -25.37 11.39
C GLU B 363 -19.47 -25.26 11.11
N GLY B 364 -19.07 -24.53 10.07
CA GLY B 364 -17.64 -24.49 9.81
C GLY B 364 -16.86 -23.35 10.45
N LEU B 365 -17.52 -22.58 11.31
CA LEU B 365 -16.88 -21.42 11.91
C LEU B 365 -15.49 -21.62 12.50
N ILE B 366 -15.27 -22.68 13.28
CA ILE B 366 -13.98 -22.87 13.88
C ILE B 366 -12.87 -23.09 12.87
N ASN B 367 -13.16 -23.85 11.82
CA ASN B 367 -12.15 -24.11 10.80
C ASN B 367 -11.94 -22.84 10.01
N GLU B 368 -13.02 -22.13 9.69
CA GLU B 368 -12.94 -20.87 8.94
C GLU B 368 -11.99 -19.93 9.70
N LEU B 369 -12.16 -19.87 11.02
CA LEU B 369 -11.31 -19.03 11.84
C LEU B 369 -9.87 -19.48 11.77
N ALA B 370 -9.64 -20.80 11.89
CA ALA B 370 -8.29 -21.33 11.84
C ALA B 370 -7.60 -20.93 10.54
N GLY B 371 -8.34 -20.97 9.44
CA GLY B 371 -7.75 -20.58 8.15
C GLY B 371 -7.34 -19.12 8.18
N ALA B 372 -8.23 -18.28 8.64
CA ALA B 372 -7.97 -16.86 8.76
C ALA B 372 -6.69 -16.64 9.55
N TRP B 373 -6.52 -17.37 10.65
CA TRP B 373 -5.32 -17.19 11.47
C TRP B 373 -4.07 -17.71 10.75
N LYS B 374 -4.22 -18.82 10.01
CA LYS B 374 -3.07 -19.35 9.29
C LYS B 374 -2.58 -18.30 8.33
N HIS B 375 -3.47 -17.58 7.68
CA HIS B 375 -3.01 -16.61 6.71
C HIS B 375 -2.85 -15.21 7.23
N SER B 376 -2.84 -15.06 8.55
CA SER B 376 -2.64 -13.75 9.12
C SER B 376 -1.10 -13.66 9.27
N ARG B 377 -0.64 -12.52 9.72
CA ARG B 377 0.80 -12.31 9.93
C ARG B 377 1.03 -12.30 11.40
N ALA B 378 0.17 -12.97 12.14
CA ALA B 378 0.30 -12.95 13.57
C ALA B 378 1.60 -13.60 13.97
N ARG B 379 2.17 -13.15 15.07
CA ARG B 379 3.39 -13.74 15.62
C ARG B 379 3.08 -15.17 16.10
N PRO B 380 4.12 -16.00 16.26
CA PRO B 380 3.99 -17.40 16.70
C PRO B 380 3.29 -17.56 18.02
N PHE B 381 3.52 -16.63 18.93
CA PHE B 381 2.91 -16.67 20.26
C PHE B 381 1.96 -15.49 20.40
N VAL B 382 0.70 -15.82 20.68
CA VAL B 382 -0.33 -14.82 20.76
C VAL B 382 -0.93 -14.79 22.13
N HIS B 383 -0.90 -13.65 22.78
CA HIS B 383 -1.51 -13.49 24.06
C HIS B 383 -2.97 -13.11 23.82
N ILE B 384 -3.86 -13.80 24.51
CA ILE B 384 -5.26 -13.54 24.41
C ILE B 384 -5.69 -12.68 25.59
N MET B 385 -6.18 -11.49 25.28
CA MET B 385 -6.61 -10.58 26.32
C MET B 385 -8.12 -10.48 26.46
N GLN B 386 -8.59 -10.95 27.61
CA GLN B 386 -9.99 -10.88 27.91
C GLN B 386 -10.10 -10.18 29.24
N ASP B 387 -11.31 -9.74 29.51
CA ASP B 387 -11.64 -9.12 30.77
C ASP B 387 -12.01 -10.25 31.76
N LYS B 388 -12.12 -9.93 33.04
CA LYS B 388 -12.50 -10.92 34.07
C LYS B 388 -14.01 -10.99 34.19
N ASP B 389 -14.66 -11.64 33.23
CA ASP B 389 -16.11 -11.85 33.17
C ASP B 389 -16.18 -13.30 32.72
N ILE B 390 -16.78 -14.17 33.52
CA ILE B 390 -16.87 -15.58 33.13
C ILE B 390 -17.47 -15.75 31.74
N GLU B 391 -18.23 -14.76 31.29
CA GLU B 391 -18.89 -14.80 29.99
C GLU B 391 -17.92 -14.71 28.82
N GLU B 392 -16.77 -14.10 29.06
CA GLU B 392 -15.80 -13.96 27.99
C GLU B 392 -14.89 -15.17 28.02
N ASN B 393 -14.89 -15.91 29.12
CA ASN B 393 -14.03 -17.08 29.13
C ASN B 393 -14.20 -18.01 27.95
N TYR B 394 -15.45 -18.39 27.66
CA TYR B 394 -15.62 -19.33 26.59
C TYR B 394 -15.30 -18.72 25.24
N HIS B 395 -15.61 -17.42 25.06
CA HIS B 395 -15.32 -16.72 23.78
C HIS B 395 -13.82 -16.75 23.58
N ALA B 396 -13.09 -16.32 24.60
CA ALA B 396 -11.65 -16.34 24.52
C ALA B 396 -11.12 -17.78 24.27
N GLN B 397 -11.75 -18.80 24.85
CA GLN B 397 -11.23 -20.15 24.67
C GLN B 397 -11.61 -20.76 23.34
N PHE B 398 -12.74 -20.34 22.83
CA PHE B 398 -13.18 -20.83 21.56
C PHE B 398 -12.17 -20.34 20.51
N MET B 399 -11.74 -19.08 20.63
CA MET B 399 -10.77 -18.46 19.71
C MET B 399 -9.37 -19.08 19.86
N GLU B 400 -9.00 -19.38 21.09
CA GLU B 400 -7.72 -20.01 21.35
C GLU B 400 -7.70 -21.34 20.63
N GLN B 401 -8.85 -22.01 20.57
CA GLN B 401 -8.96 -23.29 19.87
C GLN B 401 -8.64 -23.08 18.36
N ALA B 402 -9.14 -22.00 17.79
CA ALA B 402 -8.87 -21.73 16.39
C ALA B 402 -7.39 -21.39 16.25
N LEU B 403 -6.86 -20.56 17.15
CA LEU B 403 -5.43 -20.21 17.11
C LEU B 403 -4.53 -21.45 17.25
N HIS B 404 -4.92 -22.35 18.15
CA HIS B 404 -4.17 -23.56 18.36
C HIS B 404 -4.17 -24.43 17.11
N GLN B 405 -5.31 -24.52 16.49
CA GLN B 405 -5.47 -25.34 15.30
C GLN B 405 -4.62 -24.80 14.16
N ALA B 406 -4.46 -23.48 14.14
CA ALA B 406 -3.67 -22.83 13.10
C ALA B 406 -2.20 -22.89 13.50
N GLY B 407 -1.88 -23.57 14.58
CA GLY B 407 -0.48 -23.68 14.98
C GLY B 407 0.12 -22.57 15.87
N PHE B 408 -0.68 -21.65 16.39
CA PHE B 408 -0.12 -20.61 17.27
C PHE B 408 -0.15 -21.01 18.73
N GLU B 409 0.81 -20.47 19.47
CA GLU B 409 0.95 -20.67 20.90
C GLU B 409 0.23 -19.53 21.56
N THR B 410 -0.39 -19.79 22.69
CA THR B 410 -1.17 -18.73 23.31
C THR B 410 -1.09 -18.79 24.78
N ARG B 411 -1.50 -17.71 25.40
CA ARG B 411 -1.59 -17.62 26.86
C ARG B 411 -2.74 -16.65 27.07
N ILE B 412 -3.68 -17.01 27.94
CA ILE B 412 -4.79 -16.17 28.19
C ILE B 412 -4.63 -15.25 29.36
N LEU B 413 -4.72 -13.95 29.08
CA LEU B 413 -4.65 -12.97 30.12
C LEU B 413 -6.10 -12.64 30.55
N ARG B 414 -6.40 -12.74 31.85
CA ARG B 414 -7.73 -12.40 32.34
C ARG B 414 -7.50 -11.15 33.13
N GLY B 415 -7.97 -10.02 32.58
CA GLY B 415 -7.72 -8.74 33.25
C GLY B 415 -6.28 -8.28 32.95
N LEU B 416 -5.83 -7.22 33.62
CA LEU B 416 -4.51 -6.66 33.36
C LEU B 416 -3.48 -6.88 34.44
N ASP B 417 -3.92 -7.45 35.56
CA ASP B 417 -3.04 -7.67 36.70
C ASP B 417 -1.74 -8.40 36.45
N GLU B 418 -1.78 -9.42 35.61
CA GLU B 418 -0.59 -10.18 35.32
C GLU B 418 0.47 -9.46 34.48
N LEU B 419 0.08 -8.36 33.83
CA LEU B 419 0.98 -7.60 32.96
C LEU B 419 1.90 -6.71 33.75
N GLY B 420 3.16 -6.63 33.28
CA GLY B 420 4.16 -5.79 33.91
C GLY B 420 5.28 -5.32 32.97
N TRP B 421 6.15 -4.44 33.46
CA TRP B 421 7.23 -3.91 32.65
C TRP B 421 8.64 -4.25 33.17
N ASP B 422 9.61 -4.41 32.28
CA ASP B 422 10.97 -4.61 32.78
C ASP B 422 11.52 -3.19 33.08
N ALA B 423 12.80 -3.08 33.48
CA ALA B 423 13.38 -1.77 33.86
C ALA B 423 13.40 -0.74 32.74
N ALA B 424 13.60 -1.22 31.51
CA ALA B 424 13.61 -0.35 30.30
C ALA B 424 12.19 -0.08 29.79
N GLY B 425 11.22 -0.78 30.34
CA GLY B 425 9.85 -0.56 29.92
C GLY B 425 9.25 -1.52 28.89
N GLN B 426 9.82 -2.69 28.70
CA GLN B 426 9.25 -3.63 27.76
C GLN B 426 8.05 -4.34 28.39
N LEU B 427 7.02 -4.58 27.60
CA LEU B 427 5.82 -5.21 28.12
C LEU B 427 5.94 -6.73 28.27
N ILE B 428 5.82 -7.23 29.49
CA ILE B 428 5.97 -8.66 29.74
C ILE B 428 4.76 -9.27 30.45
N ASP B 429 4.55 -10.56 30.26
CA ASP B 429 3.43 -11.18 30.93
C ASP B 429 3.84 -11.73 32.34
N GLY B 430 2.89 -12.37 33.02
CA GLY B 430 3.11 -12.90 34.35
C GLY B 430 4.25 -13.87 34.44
N GLU B 431 4.68 -14.42 33.32
CA GLU B 431 5.76 -15.40 33.33
C GLU B 431 7.06 -14.76 32.80
N GLY B 432 7.06 -13.45 32.68
CA GLY B 432 8.22 -12.73 32.16
C GLY B 432 8.38 -12.80 30.63
N ARG B 433 7.45 -13.45 29.98
CA ARG B 433 7.51 -13.56 28.52
C ARG B 433 7.08 -12.20 27.88
N LEU B 434 7.73 -11.84 26.77
CA LEU B 434 7.41 -10.61 26.06
C LEU B 434 6.05 -10.69 25.35
N VAL B 435 5.27 -9.65 25.53
CA VAL B 435 3.97 -9.59 24.90
C VAL B 435 4.08 -8.65 23.72
N ASN B 436 4.02 -9.19 22.52
CA ASN B 436 4.09 -8.40 21.30
C ASN B 436 3.03 -8.74 20.24
N CYS B 437 2.06 -9.59 20.59
CA CYS B 437 0.99 -9.95 19.67
C CYS B 437 -0.24 -10.33 20.46
N VAL B 438 -1.33 -9.60 20.33
CA VAL B 438 -2.48 -10.00 21.10
C VAL B 438 -3.76 -10.07 20.33
N TRP B 439 -4.62 -11.02 20.72
CA TRP B 439 -5.97 -11.04 20.13
C TRP B 439 -6.80 -10.64 21.38
N LYS B 440 -7.67 -9.66 21.22
CA LYS B 440 -8.43 -9.18 22.36
C LYS B 440 -9.95 -9.35 22.27
N THR B 441 -10.60 -9.36 23.43
CA THR B 441 -12.06 -9.39 23.45
C THR B 441 -12.44 -7.93 23.75
N TRP B 442 -11.48 -7.11 24.20
CA TRP B 442 -11.78 -5.71 24.55
C TRP B 442 -12.13 -4.89 23.33
N ALA B 443 -13.07 -3.98 23.46
CA ALA B 443 -13.38 -3.09 22.34
C ALA B 443 -12.24 -2.02 22.34
N TRP B 444 -11.78 -1.61 21.16
CA TRP B 444 -10.79 -0.55 21.04
C TRP B 444 -11.27 0.71 21.78
N GLU B 445 -12.55 0.99 21.62
CA GLU B 445 -13.17 2.16 22.21
C GLU B 445 -12.87 2.24 23.74
N THR B 446 -12.77 1.11 24.40
CA THR B 446 -12.49 1.07 25.82
C THR B 446 -11.11 1.69 26.02
N ALA B 447 -10.17 1.34 25.17
CA ALA B 447 -8.86 1.96 25.31
C ALA B 447 -8.94 3.42 24.90
N PHE B 448 -9.74 3.79 23.90
CA PHE B 448 -9.82 5.19 23.51
C PHE B 448 -10.32 6.02 24.73
N ASP B 449 -11.19 5.46 25.54
CA ASP B 449 -11.67 6.18 26.75
C ASP B 449 -10.52 6.53 27.68
N GLN B 450 -9.50 5.67 27.74
CA GLN B 450 -8.40 6.01 28.59
C GLN B 450 -7.61 7.23 28.11
N ILE B 451 -7.66 7.54 26.82
CA ILE B 451 -6.97 8.72 26.33
C ILE B 451 -7.88 9.91 26.56
N ARG B 452 -9.18 9.73 26.35
CA ARG B 452 -10.14 10.83 26.56
C ARG B 452 -10.19 11.32 28.03
N GLU B 453 -9.93 10.43 29.00
CA GLU B 453 -9.92 10.78 30.44
C GLU B 453 -8.99 11.94 30.76
N VAL B 454 -7.88 12.02 30.05
CA VAL B 454 -6.90 13.07 30.26
C VAL B 454 -6.76 14.01 29.03
N SER B 455 -7.87 14.15 28.31
CA SER B 455 -7.99 14.96 27.09
C SER B 455 -7.34 16.37 27.08
N ASP B 456 -7.39 17.08 28.20
CA ASP B 456 -6.83 18.43 28.28
C ASP B 456 -5.31 18.53 28.53
N ARG B 457 -4.62 17.38 28.51
CA ARG B 457 -3.16 17.36 28.67
C ARG B 457 -2.60 17.61 27.28
N GLU B 458 -1.38 18.15 27.24
CA GLU B 458 -0.72 18.45 25.97
C GLU B 458 0.29 17.38 25.53
N PHE B 459 -0.20 16.15 25.32
CA PHE B 459 0.64 15.06 24.88
C PHE B 459 0.91 15.15 23.39
N ALA B 460 2.14 14.83 23.05
CA ALA B 460 2.58 14.84 21.68
C ALA B 460 2.38 13.44 21.07
N ALA B 461 1.85 12.52 21.87
CA ALA B 461 1.64 11.13 21.46
C ALA B 461 0.56 10.47 22.29
N VAL B 462 0.18 9.27 21.88
CA VAL B 462 -0.80 8.54 22.68
C VAL B 462 -0.12 8.44 24.04
N PRO B 463 -0.78 8.91 25.10
CA PRO B 463 -0.14 8.85 26.42
C PRO B 463 -0.08 7.49 27.06
N ILE B 464 0.76 6.58 26.56
CA ILE B 464 0.87 5.25 27.14
C ILE B 464 2.01 5.26 28.17
N ARG B 465 1.98 4.33 29.11
CA ARG B 465 3.02 4.23 30.09
C ARG B 465 3.97 3.17 29.65
N THR B 466 5.25 3.41 29.93
CA THR B 466 6.31 2.48 29.61
C THR B 466 6.95 2.06 30.92
N GLY B 467 6.21 2.30 32.00
CA GLY B 467 6.71 1.97 33.31
C GLY B 467 5.85 2.60 34.37
N HIS B 468 5.87 1.98 35.55
CA HIS B 468 5.05 2.43 36.68
C HIS B 468 5.61 1.88 37.99
N PRO B 469 5.66 2.74 39.01
CA PRO B 469 6.19 2.27 40.28
C PRO B 469 5.58 0.93 40.73
N GLN B 470 4.25 0.86 40.70
CA GLN B 470 3.50 -0.33 41.10
C GLN B 470 3.23 -1.30 39.95
N ASN B 471 3.92 -1.09 38.84
CA ASN B 471 3.74 -1.94 37.67
C ASN B 471 2.29 -2.04 37.25
N GLU B 472 1.61 -0.92 37.26
CA GLU B 472 0.23 -0.94 36.88
C GLU B 472 0.04 -0.61 35.37
N VAL B 473 -0.18 -1.68 34.60
CA VAL B 473 -0.38 -1.69 33.15
C VAL B 473 -1.84 -1.50 32.74
N ARG B 474 -2.19 -0.42 32.06
CA ARG B 474 -3.58 -0.24 31.65
C ARG B 474 -3.81 -0.88 30.27
N LEU B 475 -5.07 -1.06 29.86
CA LEU B 475 -5.37 -1.67 28.57
C LEU B 475 -4.61 -0.94 27.44
N ILE B 476 -4.73 0.40 27.45
CA ILE B 476 -4.11 1.27 26.48
C ILE B 476 -2.58 1.19 26.44
N ASP B 477 -1.97 0.78 27.55
CA ASP B 477 -0.53 0.56 27.70
C ASP B 477 -0.14 -0.70 27.01
N VAL B 478 -1.11 -1.53 26.59
CA VAL B 478 -0.76 -2.72 25.79
C VAL B 478 -1.14 -2.50 24.33
N LEU B 479 -2.43 -2.24 24.11
CA LEU B 479 -2.97 -2.10 22.78
C LEU B 479 -2.31 -1.04 21.87
N LEU B 480 -1.92 0.09 22.44
CA LEU B 480 -1.27 1.14 21.69
C LEU B 480 0.28 1.22 21.76
N ARG B 481 0.92 0.13 22.17
CA ARG B 481 2.38 0.05 22.16
C ARG B 481 2.62 -0.23 20.66
N PRO B 482 3.37 0.61 19.98
CA PRO B 482 3.63 0.43 18.55
C PRO B 482 4.08 -0.95 18.06
N GLU B 483 4.81 -1.66 18.89
CA GLU B 483 5.33 -2.94 18.47
C GLU B 483 4.47 -4.13 18.88
N VAL B 484 3.32 -3.89 19.49
CA VAL B 484 2.44 -5.01 19.83
C VAL B 484 1.52 -5.16 18.63
N LEU B 485 1.46 -6.35 18.08
CA LEU B 485 0.62 -6.61 16.92
C LEU B 485 -0.75 -7.10 17.45
N VAL B 486 -1.74 -6.21 17.38
CA VAL B 486 -3.07 -6.47 17.91
C VAL B 486 -4.08 -6.89 16.83
N PHE B 487 -5.03 -7.74 17.22
CA PHE B 487 -6.11 -8.17 16.36
C PHE B 487 -7.34 -7.98 17.28
N GLU B 488 -8.45 -7.39 16.80
CA GLU B 488 -8.60 -6.86 15.46
C GLU B 488 -7.76 -5.60 15.29
N PRO B 489 -7.34 -5.34 14.05
CA PRO B 489 -6.51 -4.13 13.86
C PRO B 489 -7.25 -2.86 14.19
N LEU B 490 -6.48 -1.82 14.48
CA LEU B 490 -7.03 -0.53 14.85
C LEU B 490 -8.06 0.06 13.91
N TRP B 491 -7.83 -0.05 12.58
CA TRP B 491 -8.77 0.53 11.61
C TRP B 491 -10.20 -0.05 11.70
N THR B 492 -10.34 -1.24 12.27
CA THR B 492 -11.68 -1.84 12.34
C THR B 492 -12.60 -1.00 13.17
N VAL B 493 -12.07 -0.04 13.95
CA VAL B 493 -12.98 0.79 14.71
C VAL B 493 -13.79 1.67 13.78
N ILE B 494 -13.35 1.84 12.53
CA ILE B 494 -14.10 2.70 11.65
C ILE B 494 -15.39 2.00 11.15
N PRO B 495 -15.30 0.79 10.54
CA PRO B 495 -16.54 0.13 10.09
C PRO B 495 -17.38 -0.31 11.32
N GLY B 496 -16.77 -0.37 12.51
CA GLY B 496 -17.53 -0.71 13.70
C GLY B 496 -18.18 0.49 14.38
N ASN B 497 -18.05 1.68 13.78
CA ASN B 497 -18.57 2.89 14.40
C ASN B 497 -19.74 3.34 13.56
N LYS B 498 -20.93 3.48 14.18
CA LYS B 498 -22.09 3.83 13.43
C LYS B 498 -22.05 5.17 12.70
N ALA B 499 -21.03 5.97 12.95
CA ALA B 499 -20.91 7.20 12.21
C ALA B 499 -20.66 6.80 10.73
N ILE B 500 -20.28 5.55 10.51
CA ILE B 500 -20.03 5.16 9.13
C ILE B 500 -21.36 4.91 8.35
N LEU B 501 -22.50 4.77 9.04
CA LEU B 501 -23.76 4.46 8.33
C LEU B 501 -24.19 5.58 7.43
N PRO B 502 -24.16 6.85 7.92
CA PRO B 502 -24.57 7.94 7.03
C PRO B 502 -23.62 8.00 5.83
N ILE B 503 -22.35 7.66 6.05
CA ILE B 503 -21.39 7.74 4.96
C ILE B 503 -21.65 6.67 3.91
N LEU B 504 -22.01 5.46 4.37
CA LEU B 504 -22.32 4.39 3.45
C LEU B 504 -23.60 4.78 2.65
N TRP B 505 -24.55 5.44 3.32
CA TRP B 505 -25.78 5.79 2.63
C TRP B 505 -25.46 6.82 1.58
N SER B 506 -24.53 7.71 1.90
CA SER B 506 -24.11 8.74 0.96
C SER B 506 -23.36 8.13 -0.23
N LEU B 507 -22.55 7.10 0.03
CA LEU B 507 -21.81 6.45 -1.07
C LEU B 507 -22.69 5.50 -1.88
N PHE B 508 -23.67 4.86 -1.26
CA PHE B 508 -24.50 3.90 -1.99
C PHE B 508 -25.95 4.20 -1.67
N PRO B 509 -26.39 5.40 -2.07
CA PRO B 509 -27.76 5.89 -1.85
C PRO B 509 -28.78 4.91 -2.35
N HIS B 510 -29.74 4.54 -1.51
CA HIS B 510 -30.79 3.59 -1.90
C HIS B 510 -30.35 2.17 -2.21
N HIS B 511 -29.18 1.77 -1.76
CA HIS B 511 -28.69 0.42 -1.95
C HIS B 511 -29.72 -0.50 -1.33
N ARG B 512 -29.95 -1.65 -1.94
CA ARG B 512 -30.98 -2.57 -1.45
C ARG B 512 -30.81 -3.10 -0.01
N TYR B 513 -29.57 -3.14 0.48
CA TYR B 513 -29.29 -3.55 1.84
C TYR B 513 -29.13 -2.42 2.87
N LEU B 514 -29.08 -1.19 2.43
CA LEU B 514 -28.87 -0.15 3.38
C LEU B 514 -30.14 0.53 3.81
N LEU B 515 -30.05 1.10 5.00
CA LEU B 515 -31.15 1.90 5.55
C LEU B 515 -30.63 3.34 5.51
N ASP B 516 -31.51 4.28 5.18
CA ASP B 516 -31.16 5.70 5.13
C ASP B 516 -30.70 6.08 6.52
N THR B 517 -29.44 6.48 6.67
CA THR B 517 -29.02 6.83 8.01
C THR B 517 -28.42 8.19 7.98
N ASP B 518 -28.69 8.98 9.03
CA ASP B 518 -28.20 10.34 9.08
C ASP B 518 -27.77 10.82 10.47
N PHE B 519 -27.11 11.98 10.54
CA PHE B 519 -26.70 12.53 11.81
C PHE B 519 -27.77 13.44 12.44
N THR B 520 -28.90 13.62 11.77
CA THR B 520 -30.03 14.42 12.33
C THR B 520 -31.26 13.69 11.84
N VAL B 521 -32.42 14.00 12.43
CA VAL B 521 -33.62 13.33 11.97
C VAL B 521 -34.06 14.18 10.80
N ASN B 522 -33.66 13.78 9.61
CA ASN B 522 -34.02 14.54 8.42
C ASN B 522 -35.47 14.29 8.03
N ASP B 523 -35.87 14.93 6.93
CA ASP B 523 -37.26 14.82 6.49
C ASP B 523 -37.78 13.41 6.25
N GLU B 524 -37.07 12.63 5.45
CA GLU B 524 -37.50 11.26 5.17
C GLU B 524 -37.55 10.39 6.41
N LEU B 525 -36.63 10.61 7.34
CA LEU B 525 -36.63 9.79 8.55
C LEU B 525 -37.85 10.15 9.34
N VAL B 526 -38.23 11.41 9.25
CA VAL B 526 -39.37 11.91 9.97
C VAL B 526 -40.59 11.09 9.57
N LYS B 527 -40.75 10.86 8.27
CA LYS B 527 -41.87 10.11 7.77
C LYS B 527 -41.72 8.60 7.90
N THR B 528 -40.50 8.11 8.04
CA THR B 528 -40.37 6.67 8.14
C THR B 528 -40.31 6.18 9.57
N GLY B 529 -39.98 7.08 10.48
CA GLY B 529 -39.75 6.64 11.83
C GLY B 529 -38.26 6.24 11.83
N TYR B 530 -37.62 6.27 12.99
CA TYR B 530 -36.20 5.93 13.04
C TYR B 530 -35.74 5.29 14.36
N ALA B 531 -34.50 4.82 14.33
CA ALA B 531 -33.84 4.22 15.50
C ALA B 531 -32.74 5.19 15.82
N VAL B 532 -32.54 5.47 17.12
CA VAL B 532 -31.48 6.34 17.61
C VAL B 532 -30.44 5.38 18.22
N LYS B 533 -29.20 5.51 17.76
CA LYS B 533 -28.15 4.65 18.25
C LYS B 533 -26.82 5.34 18.49
N PRO B 534 -26.19 5.12 19.65
CA PRO B 534 -24.89 5.76 19.89
C PRO B 534 -23.87 5.23 18.88
N ILE B 535 -22.98 6.09 18.41
CA ILE B 535 -22.04 5.67 17.36
C ILE B 535 -21.03 4.67 17.81
N ALA B 536 -20.71 4.67 19.09
CA ALA B 536 -19.80 3.67 19.64
C ALA B 536 -20.46 2.79 20.68
N GLY B 537 -21.75 2.52 20.53
CA GLY B 537 -22.39 1.69 21.52
C GLY B 537 -22.35 0.27 21.05
N ARG B 538 -23.04 -0.60 21.78
CA ARG B 538 -23.17 -2.01 21.45
C ARG B 538 -24.14 -2.69 22.39
N CYS B 539 -24.46 -3.95 22.14
CA CYS B 539 -25.35 -4.73 22.99
C CYS B 539 -26.78 -4.20 23.06
N GLY B 540 -27.13 -3.30 22.17
CA GLY B 540 -28.49 -2.81 22.18
C GLY B 540 -28.72 -1.78 23.28
N SER B 541 -27.64 -1.13 23.69
CA SER B 541 -27.70 -0.11 24.72
C SER B 541 -28.08 1.24 24.18
N ASN B 542 -28.82 1.99 24.99
CA ASN B 542 -29.23 3.33 24.61
C ASN B 542 -29.84 3.48 23.23
N ILE B 543 -30.76 2.59 22.94
CA ILE B 543 -31.43 2.59 21.64
C ILE B 543 -32.88 3.14 21.77
N ASP B 544 -33.29 4.03 20.86
CA ASP B 544 -34.65 4.54 20.90
C ASP B 544 -35.28 4.24 19.58
N LEU B 545 -36.43 3.59 19.61
CA LEU B 545 -37.15 3.30 18.39
C LEU B 545 -38.36 4.25 18.39
N VAL B 546 -38.47 5.05 17.35
CA VAL B 546 -39.51 6.04 17.18
C VAL B 546 -40.25 5.82 15.88
N SER B 547 -41.57 5.64 16.00
CA SER B 547 -42.49 5.40 14.88
C SER B 547 -42.70 6.60 13.97
N HIS B 548 -43.26 6.35 12.79
CA HIS B 548 -43.56 7.45 11.89
C HIS B 548 -44.69 8.28 12.46
N HIS B 549 -45.41 7.71 13.43
CA HIS B 549 -46.52 8.43 14.09
C HIS B 549 -45.93 9.18 15.26
N GLU B 550 -44.61 9.28 15.24
CA GLU B 550 -43.85 9.99 16.25
C GLU B 550 -43.93 9.49 17.71
N GLU B 551 -44.27 8.21 17.91
CA GLU B 551 -44.31 7.68 19.26
C GLU B 551 -43.10 6.79 19.55
N VAL B 552 -42.63 6.85 20.80
CA VAL B 552 -41.49 6.05 21.17
C VAL B 552 -41.90 4.59 21.26
N LEU B 553 -41.50 3.76 20.29
CA LEU B 553 -41.85 2.34 20.32
C LEU B 553 -41.07 1.57 21.36
N ASP B 554 -39.84 1.96 21.63
CA ASP B 554 -39.04 1.29 22.67
C ASP B 554 -37.81 2.10 22.94
N LYS B 555 -37.16 1.79 24.04
CA LYS B 555 -35.99 2.52 24.48
C LYS B 555 -35.18 1.62 25.40
N THR B 556 -33.86 1.74 25.39
CA THR B 556 -33.05 0.90 26.27
C THR B 556 -32.11 1.77 27.08
N SER B 557 -31.58 1.23 28.16
CA SER B 557 -30.65 2.01 28.95
C SER B 557 -29.30 1.47 28.60
N GLY B 558 -28.27 2.02 29.25
CA GLY B 558 -26.92 1.59 28.97
C GLY B 558 -25.97 2.73 29.21
N LYS B 559 -24.69 2.40 29.21
CA LYS B 559 -23.64 3.38 29.48
C LYS B 559 -23.27 4.39 28.36
N PHE B 560 -23.96 4.39 27.24
CA PHE B 560 -23.55 5.26 26.14
C PHE B 560 -24.42 6.46 25.89
N ALA B 561 -25.17 6.90 26.90
CA ALA B 561 -26.11 8.00 26.69
C ALA B 561 -25.52 9.37 26.34
N GLU B 562 -24.24 9.54 26.59
CA GLU B 562 -23.59 10.82 26.31
C GLU B 562 -22.97 10.92 24.94
N GLN B 563 -22.80 9.79 24.23
CA GLN B 563 -22.18 9.76 22.91
C GLN B 563 -23.01 10.37 21.77
N LYS B 564 -22.34 10.76 20.67
CA LYS B 564 -23.02 11.27 19.50
C LYS B 564 -23.89 10.08 19.04
N ASN B 565 -25.05 10.36 18.43
CA ASN B 565 -25.97 9.33 17.95
C ASN B 565 -26.17 9.43 16.43
N ILE B 566 -26.64 8.36 15.80
CA ILE B 566 -27.01 8.50 14.38
C ILE B 566 -28.48 8.17 14.37
N TYR B 567 -29.15 8.44 13.27
CA TYR B 567 -30.58 8.16 13.14
C TYR B 567 -30.75 7.31 11.90
N GLN B 568 -31.27 6.11 12.14
CA GLN B 568 -31.48 5.15 11.10
C GLN B 568 -32.96 4.80 10.82
N GLN B 569 -33.35 4.86 9.56
CA GLN B 569 -34.70 4.55 9.12
C GLN B 569 -35.22 3.33 9.89
N LEU B 570 -36.39 3.48 10.53
CA LEU B 570 -36.97 2.36 11.29
C LEU B 570 -37.23 1.14 10.41
N TRP B 571 -36.79 -0.03 10.82
CA TRP B 571 -37.06 -1.23 10.05
C TRP B 571 -37.04 -2.39 11.06
N CYS B 572 -38.20 -2.56 11.70
CA CYS B 572 -38.42 -3.54 12.76
C CYS B 572 -38.27 -5.02 12.46
N LEU B 573 -37.64 -5.74 13.39
CA LEU B 573 -37.42 -7.18 13.26
C LEU B 573 -38.73 -7.93 13.09
N PRO B 574 -38.70 -9.02 12.32
CA PRO B 574 -40.00 -9.69 12.23
C PRO B 574 -40.25 -10.43 13.53
N LYS B 575 -41.50 -10.72 13.81
CA LYS B 575 -41.85 -11.44 15.04
C LYS B 575 -42.30 -12.81 14.51
N VAL B 576 -41.65 -13.86 14.99
CA VAL B 576 -41.96 -15.18 14.54
C VAL B 576 -42.01 -16.14 15.70
N ASP B 577 -43.14 -16.82 15.81
CA ASP B 577 -43.40 -17.72 16.90
C ASP B 577 -43.18 -16.99 18.22
N GLY B 578 -43.78 -15.82 18.37
CA GLY B 578 -43.63 -15.08 19.63
C GLY B 578 -42.33 -14.36 20.00
N LYS B 579 -41.38 -14.25 19.06
CA LYS B 579 -40.14 -13.57 19.37
C LYS B 579 -39.68 -12.83 18.16
N TYR B 580 -39.09 -11.66 18.40
CA TYR B 580 -38.53 -10.87 17.33
C TYR B 580 -37.23 -11.60 16.95
N ILE B 581 -37.03 -11.85 15.66
CA ILE B 581 -35.88 -12.60 15.28
C ILE B 581 -34.93 -11.78 14.40
N GLN B 582 -33.66 -11.74 14.78
CA GLN B 582 -32.65 -11.01 14.03
C GLN B 582 -31.69 -12.01 13.43
N VAL B 583 -31.27 -11.73 12.19
CA VAL B 583 -30.32 -12.60 11.54
C VAL B 583 -28.90 -11.99 11.61
N CYS B 584 -27.90 -12.81 11.94
CA CYS B 584 -26.54 -12.32 12.02
C CYS B 584 -25.66 -13.20 11.13
N THR B 585 -24.63 -12.61 10.53
CA THR B 585 -23.69 -13.39 9.74
C THR B 585 -22.34 -13.00 10.24
N PHE B 586 -21.43 -13.92 10.13
CA PHE B 586 -20.06 -13.70 10.56
C PHE B 586 -19.22 -13.44 9.34
N THR B 587 -18.14 -12.67 9.50
CA THR B 587 -17.20 -12.51 8.39
C THR B 587 -15.95 -13.07 9.05
N VAL B 588 -15.16 -13.79 8.25
CA VAL B 588 -13.91 -14.39 8.68
C VAL B 588 -13.09 -14.05 7.50
N GLY B 589 -12.00 -13.33 7.75
CA GLY B 589 -11.14 -12.90 6.68
C GLY B 589 -11.90 -12.11 5.62
N GLY B 590 -12.95 -11.38 5.97
CA GLY B 590 -13.66 -10.62 4.97
C GLY B 590 -14.77 -11.38 4.24
N ASN B 591 -14.87 -12.69 4.39
CA ASN B 591 -15.95 -13.38 3.71
C ASN B 591 -16.89 -14.06 4.66
N TYR B 592 -18.07 -14.41 4.12
CA TYR B 592 -19.08 -15.11 4.88
C TYR B 592 -18.46 -16.27 5.61
N GLY B 593 -18.80 -16.43 6.87
CA GLY B 593 -18.31 -17.54 7.64
C GLY B 593 -19.47 -18.14 8.44
N GLY B 594 -20.72 -17.76 8.12
CA GLY B 594 -21.85 -18.31 8.85
C GLY B 594 -22.99 -17.37 9.24
N THR B 595 -24.09 -17.97 9.68
CA THR B 595 -25.28 -17.26 10.09
C THR B 595 -25.81 -17.83 11.43
N CYS B 596 -26.41 -16.98 12.24
CA CYS B 596 -27.01 -17.46 13.45
C CYS B 596 -28.21 -16.52 13.68
N LEU B 597 -29.03 -16.81 14.68
CA LEU B 597 -30.22 -15.98 14.99
C LEU B 597 -30.19 -15.51 16.42
N ARG B 598 -30.77 -14.33 16.68
CA ARG B 598 -30.91 -13.82 18.04
C ARG B 598 -32.41 -13.62 18.11
N GLY B 599 -33.00 -13.98 19.25
CA GLY B 599 -34.44 -13.81 19.40
C GLY B 599 -34.71 -13.05 20.68
N ASP B 600 -35.64 -12.10 20.67
CA ASP B 600 -35.96 -11.34 21.88
C ASP B 600 -37.44 -10.96 21.98
N GLU B 601 -37.92 -10.80 23.20
CA GLU B 601 -39.33 -10.45 23.39
C GLU B 601 -39.56 -9.04 22.96
N SER B 602 -38.50 -8.25 22.83
CA SER B 602 -38.66 -6.86 22.42
C SER B 602 -38.06 -6.62 21.05
N LEU B 603 -38.19 -5.40 20.54
CA LEU B 603 -37.66 -5.04 19.24
C LEU B 603 -36.15 -4.79 19.20
N VAL B 604 -35.56 -4.71 20.39
CA VAL B 604 -34.16 -4.43 20.51
C VAL B 604 -33.32 -5.61 20.99
N ILE B 605 -32.53 -6.18 20.10
CA ILE B 605 -31.68 -7.28 20.54
C ILE B 605 -30.63 -6.69 21.49
N LYS B 606 -30.25 -7.50 22.48
CA LYS B 606 -29.29 -7.13 23.49
C LYS B 606 -28.32 -8.24 23.76
N LYS B 607 -27.33 -7.93 24.61
CA LYS B 607 -26.33 -8.91 24.95
C LYS B 607 -26.98 -10.20 25.49
N GLU B 608 -28.05 -10.04 26.28
CA GLU B 608 -28.70 -11.19 26.87
C GLU B 608 -29.75 -11.90 26.03
N SER B 609 -30.07 -11.38 24.86
CA SER B 609 -31.05 -12.00 23.99
C SER B 609 -30.62 -13.42 23.68
N ASP B 610 -31.57 -14.34 23.50
CA ASP B 610 -31.17 -15.70 23.17
C ASP B 610 -30.57 -15.84 21.76
N ILE B 611 -29.85 -16.95 21.61
CA ILE B 611 -29.33 -17.42 20.34
C ILE B 611 -30.37 -18.53 20.11
N GLU B 612 -31.01 -18.51 18.95
CA GLU B 612 -32.06 -19.43 18.55
C GLU B 612 -31.48 -20.44 17.55
N PRO B 613 -31.71 -21.77 17.74
CA PRO B 613 -31.19 -22.78 16.80
C PRO B 613 -31.75 -22.46 15.42
N LEU B 614 -30.89 -22.47 14.42
CA LEU B 614 -31.23 -22.19 13.03
C LEU B 614 -30.86 -23.37 12.17
N ILE B 615 -31.76 -23.83 11.32
CA ILE B 615 -31.41 -24.93 10.42
C ILE B 615 -31.71 -24.44 9.01
N VAL B 616 -30.75 -24.53 8.10
CA VAL B 616 -30.97 -24.11 6.73
C VAL B 616 -31.48 -25.37 5.97
N VAL B 617 -32.68 -25.25 5.37
CA VAL B 617 -33.25 -26.36 4.60
C VAL B 617 -33.23 -26.16 3.09
N LYS B 618 -32.82 -27.22 2.39
CA LYS B 618 -32.79 -27.22 0.93
C LYS B 618 -34.22 -27.53 0.42
MG MG C . 16.72 12.50 -20.56
MG MG D . 19.11 14.98 -20.34
PB ADP E . 17.16 14.70 -22.76
O1B ADP E . 17.11 14.72 -24.24
O2B ADP E . 16.27 13.65 -22.17
O3B ADP E . 18.60 14.68 -22.26
PA ADP E . 17.06 17.29 -21.37
O1A ADP E . 15.89 17.88 -20.62
O2A ADP E . 18.26 16.85 -20.50
O3A ADP E . 16.47 16.11 -22.23
O5' ADP E . 17.44 18.31 -22.52
C5' ADP E . 18.66 18.05 -23.31
C4' ADP E . 19.70 19.14 -23.14
O4' ADP E . 19.06 20.38 -23.65
C3' ADP E . 20.05 19.52 -21.70
O3' ADP E . 21.06 18.62 -21.21
C2' ADP E . 20.47 20.97 -21.88
O2' ADP E . 21.79 21.02 -22.45
C1' ADP E . 19.45 21.52 -22.91
N9 ADP E . 18.18 22.04 -22.28
C8 ADP E . 17.11 21.32 -21.90
N7 ADP E . 16.14 22.06 -21.37
C5 ADP E . 16.62 23.33 -21.43
C6 ADP E . 16.02 24.64 -21.00
N6 ADP E . 14.82 24.82 -20.42
N1 ADP E . 16.84 25.71 -21.24
C2 ADP E . 18.11 25.60 -21.83
N3 ADP E . 18.66 24.43 -22.22
C4 ADP E . 17.88 23.35 -22.00
N1 GSH F . 20.64 11.47 -21.55
CA1 GSH F . 20.74 10.03 -21.92
C1 GSH F . 20.31 9.13 -20.74
O11 GSH F . 20.33 9.53 -19.59
O12 GSH F . 19.96 7.89 -21.01
CB1 GSH F . 22.20 9.65 -22.40
CG1 GSH F . 23.16 9.43 -21.21
CD1 GSH F . 24.62 9.50 -21.65
OE1 GSH F . 24.98 10.39 -22.39
N2 GSH F . 25.50 8.58 -21.20
CA2 GSH F . 26.90 8.60 -21.59
C2 GSH F . 27.23 7.48 -22.63
O2 GSH F . 26.45 6.54 -22.84
CB2 GSH F . 27.75 8.38 -20.35
SG2 GSH F . 27.90 9.89 -19.45
N3 GSH F . 28.40 7.53 -23.33
CA3 GSH F . 28.67 6.49 -24.34
C3 GSH F . 27.95 6.90 -25.63
O31 GSH F . 28.50 7.64 -26.44
MG MG G . -23.04 -3.56 17.74
MG MG H . -26.10 -5.15 17.18
PB ADP I . -25.82 -2.58 18.82
O1B ADP I . -26.23 -1.92 20.03
O2B ADP I . -24.38 -2.33 18.55
O3B ADP I . -26.19 -4.07 18.81
PA ADP I . -27.55 -2.39 16.52
O1A ADP I . -27.43 -1.57 15.30
O2A ADP I . -27.40 -3.91 16.35
O3A ADP I . -26.57 -1.86 17.60
O5' ADP I . -28.99 -1.95 17.13
C5' ADP I . -29.49 -2.72 18.29
C4' ADP I . -30.77 -3.48 18.04
O4' ADP I . -31.74 -2.42 17.76
C3' ADP I . -30.85 -4.37 16.76
O3' ADP I . -30.32 -5.68 17.05
C2' ADP I . -32.36 -4.26 16.41
O2' ADP I . -33.13 -5.18 17.21
C1' ADP I . -32.70 -2.80 16.79
N9 ADP I . -32.52 -1.84 15.68
C8 ADP I . -31.39 -1.24 15.31
N7 ADP I . -31.52 -0.43 14.30
C5 ADP I . -32.81 -0.53 13.99
C6 ADP I . -33.58 0.11 12.95
N6 ADP I . -33.13 0.94 12.08
N1 ADP I . -34.93 -0.26 12.95
C2 ADP I . -35.47 -1.16 13.85
N3 ADP I . -34.76 -1.75 14.81
C4 ADP I . -33.46 -1.41 14.83
N1 GSH J . -23.96 -6.98 20.06
CA1 GSH J . -22.87 -7.12 21.00
C1 GSH J . -21.54 -7.32 20.29
O11 GSH J . -21.51 -7.56 19.10
O12 GSH J . -20.44 -7.23 20.99
CB1 GSH J . -23.18 -8.27 21.98
CG1 GSH J . -22.82 -9.66 21.40
CD1 GSH J . -23.56 -10.71 22.15
OE1 GSH J . -24.74 -10.51 22.42
N2 GSH J . -22.94 -11.86 22.51
CA2 GSH J . -23.65 -12.96 23.25
C2 GSH J . -23.14 -13.10 24.67
O2 GSH J . -22.06 -12.62 25.01
CB2 GSH J . -23.42 -14.27 22.52
SG2 GSH J . -24.50 -14.39 21.09
N3 GSH J . -23.89 -13.79 25.57
CA3 GSH J . -23.43 -13.94 26.98
C3 GSH J . -23.69 -12.60 27.68
O31 GSH J . -24.70 -12.45 28.29
#